data_2YOF
#
_entry.id   2YOF
#
_cell.length_a   109.639
_cell.length_b   109.639
_cell.length_c   121.892
_cell.angle_alpha   90.00
_cell.angle_beta   90.00
_cell.angle_gamma   120.00
#
_symmetry.space_group_name_H-M   'P 31 2 1'
#
loop_
_entity.id
_entity.type
_entity.pdbx_description
1 polymer 'THYMIDYLATE KINASE'
2 non-polymer 1-[4-chloranyl-3-(trifluoromethyl)phenyl]-3-[[(2R,3S)-5-[5-methyl-2,4-bis(oxidanylidene)pyrimidin-1-yl]-3-oxidanyl-oxolan-2-yl]methyl]thiourea
3 non-polymer 'ACETATE ION'
4 non-polymer TRIS(HYDROXYETHYL)AMINOMETHANE
5 water water
#
_entity_poly.entity_id   1
_entity_poly.type   'polypeptide(L)'
_entity_poly.pdbx_seq_one_letter_code
;MTDDKKKGKFIVFEGLDRSGKSTQSKLLVEYLKNNNVEVKHLYFPNRETGIGQIISKYLKMENSMSNETIHLLFSANRWE
HMNEIKSLLLKGIWVVCDRYAYSGVAYSSGALNLNKTWCMNPDQGLIKPDVVFYLNVPPNYAQNRSDYGEEIYEKVETQK
KIYETYKHFAHEDYWINIDATRKIEDIHNDIVKEVTKIKVEPEEFNFLWS
;
_entity_poly.pdbx_strand_id   A,B,C
#
loop_
_chem_comp.id
_chem_comp.type
_chem_comp.name
_chem_comp.formula
74W non-polymer 1-[4-chloranyl-3-(trifluoromethyl)phenyl]-3-[[(2R,3S)-5-[5-methyl-2,4-bis(oxidanylidene)pyrimidin-1-yl]-3-oxidanyl-oxolan-2-yl]methyl]thiourea 'C18 H18 Cl F3 N4 O4 S'
ACT non-polymer 'ACETATE ION' 'C2 H3 O2 -1'
TAM non-polymer TRIS(HYDROXYETHYL)AMINOMETHANE 'C7 H17 N O3'
#
# COMPACT_ATOMS: atom_id res chain seq x y z
N ASP A 3 -1.48 10.68 41.84
CA ASP A 3 -2.41 11.81 42.06
C ASP A 3 -3.47 11.91 40.95
N ASP A 4 -3.04 11.78 39.71
CA ASP A 4 -3.86 12.20 38.60
C ASP A 4 -4.09 11.15 37.49
N LYS A 5 -3.60 9.90 37.67
CA LYS A 5 -3.75 8.88 36.62
C LYS A 5 -5.15 8.28 36.57
N LYS A 6 -5.61 8.00 35.36
CA LYS A 6 -6.79 7.18 35.10
C LYS A 6 -6.49 5.74 35.50
N LYS A 7 -7.29 5.19 36.42
CA LYS A 7 -7.06 3.83 36.92
C LYS A 7 -8.13 2.82 36.46
N GLY A 8 -9.41 3.21 36.46
CA GLY A 8 -10.48 2.38 35.88
C GLY A 8 -10.45 2.40 34.33
N LYS A 9 -11.21 1.52 33.74
CA LYS A 9 -11.28 1.50 32.29
C LYS A 9 -12.65 1.99 31.83
N PHE A 10 -12.69 2.55 30.64
CA PHE A 10 -13.86 3.28 30.15
C PHE A 10 -14.20 2.64 28.79
N ILE A 11 -15.35 1.99 28.78
CA ILE A 11 -15.82 1.21 27.63
C ILE A 11 -17.09 1.87 27.08
N VAL A 12 -17.13 2.18 25.77
CA VAL A 12 -18.37 2.72 25.18
C VAL A 12 -18.97 1.72 24.21
N PHE A 13 -20.29 1.58 24.25
CA PHE A 13 -21.05 0.89 23.22
C PHE A 13 -21.72 1.90 22.28
N GLU A 14 -21.63 1.60 20.99
CA GLU A 14 -22.21 2.40 19.92
C GLU A 14 -22.95 1.44 19.01
N GLY A 15 -23.83 1.99 18.17
CA GLY A 15 -24.60 1.15 17.24
C GLY A 15 -25.93 1.80 17.00
N LEU A 16 -26.62 1.34 15.94
CA LEU A 16 -27.90 1.91 15.58
C LEU A 16 -28.90 1.57 16.63
N ASP A 17 -30.10 2.12 16.54
CA ASP A 17 -31.09 1.81 17.53
C ASP A 17 -31.48 0.34 17.33
N ARG A 18 -31.94 -0.33 18.37
CA ARG A 18 -32.11 -1.82 18.24
C ARG A 18 -30.92 -2.61 17.55
N SER A 19 -29.67 -2.31 17.95
CA SER A 19 -28.51 -3.11 17.55
C SER A 19 -28.11 -4.11 18.65
N GLY A 20 -28.83 -4.10 19.78
CA GLY A 20 -28.49 -4.94 20.95
C GLY A 20 -27.53 -4.33 21.98
N LYS A 21 -27.40 -2.98 22.00
CA LYS A 21 -26.45 -2.26 22.89
C LYS A 21 -26.70 -2.51 24.34
N SER A 22 -27.95 -2.39 24.75
CA SER A 22 -28.24 -2.51 26.16
C SER A 22 -28.21 -3.98 26.61
N THR A 23 -28.52 -4.91 25.70
CA THR A 23 -28.35 -6.36 26.00
C THR A 23 -26.91 -6.65 26.30
N GLN A 24 -26.03 -6.25 25.39
CA GLN A 24 -24.60 -6.51 25.50
C GLN A 24 -23.92 -5.73 26.63
N SER A 25 -24.29 -4.46 26.83
CA SER A 25 -23.68 -3.68 27.89
C SER A 25 -24.07 -4.23 29.29
N LYS A 26 -25.32 -4.65 29.46
CA LYS A 26 -25.74 -5.26 30.74
C LYS A 26 -24.95 -6.57 30.95
N LEU A 27 -24.81 -7.38 29.89
CA LEU A 27 -24.02 -8.62 30.02
C LEU A 27 -22.58 -8.36 30.43
N LEU A 28 -22.00 -7.27 29.89
CA LEU A 28 -20.62 -6.91 30.23
C LEU A 28 -20.49 -6.47 31.67
N VAL A 29 -21.43 -5.61 32.11
CA VAL A 29 -21.43 -5.12 33.48
C VAL A 29 -21.58 -6.28 34.50
N GLU A 30 -22.53 -7.19 34.24
CA GLU A 30 -22.68 -8.42 35.05
C GLU A 30 -21.37 -9.22 35.09
N TYR A 31 -20.74 -9.47 33.94
CA TYR A 31 -19.45 -10.17 33.90
C TYR A 31 -18.35 -9.49 34.73
N LEU A 32 -18.26 -8.17 34.63
CA LEU A 32 -17.27 -7.44 35.39
C LEU A 32 -17.56 -7.53 36.89
N LYS A 33 -18.83 -7.38 37.29
CA LYS A 33 -19.23 -7.43 38.71
C LYS A 33 -18.95 -8.82 39.31
N ASN A 34 -19.15 -9.87 38.51
CA ASN A 34 -18.86 -11.25 38.94
C ASN A 34 -17.38 -11.46 39.12
N ASN A 35 -16.58 -10.65 38.44
CA ASN A 35 -15.14 -10.70 38.61
CA ASN A 35 -15.13 -10.69 38.63
C ASN A 35 -14.62 -9.62 39.63
N ASN A 36 -15.50 -9.18 40.52
CA ASN A 36 -15.20 -8.18 41.61
C ASN A 36 -14.80 -6.76 41.18
N VAL A 37 -14.89 -6.46 39.87
CA VAL A 37 -14.52 -5.11 39.32
C VAL A 37 -15.64 -4.16 39.66
N GLU A 38 -15.37 -3.01 40.33
CA GLU A 38 -16.46 -2.02 40.53
CA GLU A 38 -16.41 -2.02 40.55
C GLU A 38 -16.67 -1.28 39.21
N VAL A 39 -17.92 -1.19 38.80
CA VAL A 39 -18.29 -0.64 37.48
C VAL A 39 -19.62 0.08 37.57
N LYS A 40 -19.67 1.24 36.93
CA LYS A 40 -20.88 2.03 36.78
C LYS A 40 -21.35 1.93 35.33
N HIS A 41 -22.66 1.72 35.14
CA HIS A 41 -23.26 1.61 33.82
C HIS A 41 -23.99 2.92 33.54
N LEU A 42 -23.51 3.64 32.56
CA LEU A 42 -24.08 4.96 32.26
C LEU A 42 -24.67 4.89 30.86
N TYR A 43 -25.57 5.82 30.56
CA TYR A 43 -26.30 5.89 29.29
C TYR A 43 -26.38 7.33 28.81
N PHE A 44 -26.20 7.55 27.50
CA PHE A 44 -26.45 8.89 26.93
C PHE A 44 -27.54 8.81 25.84
N PRO A 45 -28.45 9.80 25.80
CA PRO A 45 -28.56 10.95 26.68
C PRO A 45 -29.00 10.52 28.06
N ASN A 46 -28.60 11.28 29.08
CA ASN A 46 -29.22 11.14 30.40
C ASN A 46 -30.41 12.12 30.43
N ARG A 47 -31.60 11.54 30.33
CA ARG A 47 -32.85 12.30 30.16
CA ARG A 47 -32.83 12.31 30.15
C ARG A 47 -33.36 12.91 31.46
N GLU A 48 -32.66 12.64 32.59
CA GLU A 48 -33.07 13.11 33.94
CA GLU A 48 -33.20 13.14 33.84
C GLU A 48 -32.63 14.50 34.25
N THR A 49 -31.55 14.95 33.62
CA THR A 49 -31.02 16.28 33.95
C THR A 49 -31.92 17.37 33.34
N GLY A 50 -31.78 18.62 33.79
CA GLY A 50 -32.50 19.76 33.16
C GLY A 50 -32.31 19.72 31.65
N ILE A 51 -31.08 19.56 31.21
CA ILE A 51 -30.82 19.48 29.75
C ILE A 51 -31.45 18.23 29.15
N GLY A 52 -31.27 17.11 29.85
CA GLY A 52 -31.77 15.80 29.35
C GLY A 52 -33.31 15.84 29.23
N GLN A 53 -33.99 16.62 30.08
CA GLN A 53 -35.47 16.65 30.01
C GLN A 53 -35.94 17.34 28.72
N ILE A 54 -35.15 18.30 28.24
CA ILE A 54 -35.44 18.96 26.99
C ILE A 54 -35.13 18.01 25.82
N ILE A 55 -33.99 17.32 25.90
CA ILE A 55 -33.67 16.31 24.90
C ILE A 55 -34.79 15.29 24.80
N SER A 56 -35.34 14.93 25.96
CA SER A 56 -36.37 13.93 26.00
C SER A 56 -37.62 14.41 25.20
N LYS A 57 -38.01 15.66 25.45
CA LYS A 57 -39.13 16.27 24.67
C LYS A 57 -38.90 16.25 23.17
N TYR A 58 -37.66 16.55 22.78
CA TYR A 58 -37.28 16.54 21.39
C TYR A 58 -37.45 15.15 20.79
N LEU A 59 -36.93 14.14 21.50
CA LEU A 59 -36.98 12.78 20.98
C LEU A 59 -38.41 12.25 20.87
N LYS A 60 -39.27 12.62 21.80
CA LYS A 60 -40.68 12.18 21.80
C LYS A 60 -41.59 13.12 20.96
N MET A 61 -40.97 14.12 20.34
CA MET A 61 -41.68 15.11 19.51
C MET A 61 -42.76 15.87 20.29
N GLU A 62 -42.47 16.11 21.57
CA GLU A 62 -43.26 16.97 22.43
C GLU A 62 -42.90 18.47 22.26
N ASN A 63 -41.68 18.74 21.77
CA ASN A 63 -41.27 20.06 21.28
C ASN A 63 -40.75 19.85 19.88
N SER A 64 -40.35 20.94 19.21
CA SER A 64 -39.48 20.82 18.04
C SER A 64 -38.31 21.75 18.30
N MET A 65 -37.13 21.39 17.77
CA MET A 65 -35.92 22.19 17.95
C MET A 65 -35.13 22.17 16.69
N SER A 66 -34.35 23.23 16.46
CA SER A 66 -33.53 23.32 15.26
C SER A 66 -32.35 22.33 15.37
N ASN A 67 -31.77 21.97 14.23
CA ASN A 67 -30.75 20.94 14.17
C ASN A 67 -29.54 21.25 15.06
N GLU A 68 -29.04 22.49 15.01
CA GLU A 68 -27.88 22.90 15.82
C GLU A 68 -28.18 22.96 17.32
N THR A 69 -29.42 23.38 17.66
CA THR A 69 -29.79 23.53 19.04
C THR A 69 -29.73 22.15 19.73
N ILE A 70 -30.41 21.16 19.11
CA ILE A 70 -30.47 19.80 19.74
C ILE A 70 -29.10 19.14 19.74
N HIS A 71 -28.33 19.37 18.65
CA HIS A 71 -26.99 18.82 18.61
C HIS A 71 -26.15 19.31 19.82
N LEU A 72 -26.16 20.61 20.03
CA LEU A 72 -25.42 21.18 21.14
C LEU A 72 -25.92 20.70 22.50
N LEU A 73 -27.25 20.50 22.63
CA LEU A 73 -27.79 19.96 23.92
C LEU A 73 -27.26 18.54 24.20
N PHE A 74 -27.20 17.69 23.16
CA PHE A 74 -26.66 16.35 23.32
C PHE A 74 -25.19 16.40 23.78
N SER A 75 -24.43 17.34 23.20
CA SER A 75 -23.05 17.52 23.66
C SER A 75 -22.93 18.07 25.09
N ALA A 76 -23.73 19.09 25.44
CA ALA A 76 -23.73 19.65 26.79
C ALA A 76 -24.11 18.56 27.84
N ASN A 77 -25.01 17.65 27.42
CA ASN A 77 -25.48 16.54 28.27
C ASN A 77 -24.30 15.60 28.60
N ARG A 78 -23.35 15.42 27.66
CA ARG A 78 -22.12 14.66 27.99
C ARG A 78 -21.16 15.45 28.91
N TRP A 79 -20.94 16.72 28.58
CA TRP A 79 -20.07 17.58 29.42
C TRP A 79 -20.51 17.64 30.89
N GLU A 80 -21.82 17.62 31.15
CA GLU A 80 -22.28 17.73 32.57
C GLU A 80 -21.98 16.46 33.38
N HIS A 81 -21.51 15.41 32.69
CA HIS A 81 -21.08 14.12 33.33
C HIS A 81 -19.59 13.92 33.40
N MET A 82 -18.83 14.84 32.87
CA MET A 82 -17.41 14.64 32.80
C MET A 82 -16.71 14.62 34.18
N ASN A 83 -17.14 15.48 35.09
CA ASN A 83 -16.56 15.54 36.44
C ASN A 83 -16.80 14.21 37.14
N GLU A 84 -18.00 13.68 37.04
CA GLU A 84 -18.29 12.41 37.66
C GLU A 84 -17.59 11.20 37.06
N ILE A 85 -17.46 11.17 35.71
CA ILE A 85 -16.79 10.09 35.04
C ILE A 85 -15.31 10.15 35.37
N LYS A 86 -14.76 11.35 35.37
CA LYS A 86 -13.36 11.51 35.74
C LYS A 86 -13.11 10.96 37.17
N SER A 87 -13.90 11.42 38.13
CA SER A 87 -13.81 10.96 39.52
C SER A 87 -13.90 9.44 39.68
N LEU A 88 -14.83 8.79 38.97
CA LEU A 88 -14.92 7.30 38.98
C LEU A 88 -13.60 6.65 38.49
N LEU A 89 -13.18 7.04 37.29
CA LEU A 89 -11.96 6.53 36.67
C LEU A 89 -10.68 6.79 37.48
N LEU A 90 -10.57 7.99 38.07
CA LEU A 90 -9.43 8.31 38.96
C LEU A 90 -9.32 7.35 40.15
N LYS A 91 -10.46 6.89 40.68
CA LYS A 91 -10.47 5.96 41.83
C LYS A 91 -10.19 4.50 41.46
N GLY A 92 -10.41 4.15 40.19
CA GLY A 92 -10.25 2.77 39.70
C GLY A 92 -11.57 2.09 39.36
N ILE A 93 -12.68 2.83 39.46
CA ILE A 93 -13.99 2.29 39.10
C ILE A 93 -14.11 2.35 37.56
N TRP A 94 -14.58 1.26 36.96
CA TRP A 94 -14.77 1.25 35.52
C TRP A 94 -16.08 1.91 35.14
N VAL A 95 -16.17 2.38 33.90
CA VAL A 95 -17.42 2.97 33.39
C VAL A 95 -17.75 2.25 32.11
N VAL A 96 -18.96 1.67 32.03
CA VAL A 96 -19.47 1.13 30.75
C VAL A 96 -20.61 2.11 30.38
N CYS A 97 -20.56 2.64 29.16
CA CYS A 97 -21.46 3.72 28.78
C CYS A 97 -22.12 3.40 27.43
N ASP A 98 -23.46 3.39 27.41
CA ASP A 98 -24.23 3.18 26.18
CA ASP A 98 -24.26 3.17 26.22
C ASP A 98 -24.44 4.51 25.47
N ARG A 99 -23.73 4.67 24.35
CA ARG A 99 -23.67 5.90 23.49
C ARG A 99 -22.77 6.99 24.03
N TYR A 100 -22.12 7.70 23.12
CA TYR A 100 -21.24 8.75 23.52
C TYR A 100 -21.16 9.74 22.38
N ALA A 101 -20.02 10.38 22.22
CA ALA A 101 -19.85 11.44 21.25
C ALA A 101 -19.99 10.92 19.81
N TYR A 102 -19.64 9.65 19.60
CA TYR A 102 -19.74 9.00 18.25
C TYR A 102 -21.20 9.00 17.80
N SER A 103 -22.12 8.68 18.72
CA SER A 103 -23.57 8.81 18.43
C SER A 103 -23.91 10.25 18.03
N GLY A 104 -23.38 11.20 18.79
CA GLY A 104 -23.68 12.63 18.52
C GLY A 104 -23.38 13.00 17.10
N VAL A 105 -22.21 12.55 16.61
CA VAL A 105 -21.74 12.88 15.26
C VAL A 105 -22.50 12.12 14.15
N ALA A 106 -22.63 10.80 14.34
CA ALA A 106 -23.28 9.94 13.36
C ALA A 106 -24.77 10.31 13.19
N TYR A 107 -25.44 10.59 14.30
CA TYR A 107 -26.88 10.93 14.27
C TYR A 107 -27.15 12.30 13.67
N SER A 108 -26.42 13.32 14.13
CA SER A 108 -26.62 14.66 13.59
C SER A 108 -26.17 14.80 12.12
N SER A 109 -25.02 14.22 11.76
CA SER A 109 -24.61 14.31 10.35
C SER A 109 -25.53 13.44 9.46
N GLY A 110 -25.89 12.26 9.94
CA GLY A 110 -26.78 11.33 9.21
C GLY A 110 -28.23 11.75 9.10
N ALA A 111 -28.87 12.01 10.24
CA ALA A 111 -30.27 12.38 10.21
C ALA A 111 -30.55 13.86 9.91
N LEU A 112 -29.65 14.76 10.29
CA LEU A 112 -29.95 16.20 10.22
C LEU A 112 -29.11 16.91 9.18
N ASN A 113 -28.20 16.14 8.56
CA ASN A 113 -27.32 16.66 7.49
CA ASN A 113 -27.27 16.61 7.52
C ASN A 113 -26.33 17.74 7.96
N LEU A 114 -25.97 17.72 9.25
CA LEU A 114 -25.01 18.71 9.74
C LEU A 114 -23.61 18.31 9.30
N ASN A 115 -22.76 19.31 9.14
CA ASN A 115 -21.34 19.12 8.79
C ASN A 115 -20.63 18.30 9.87
N LYS A 116 -19.84 17.31 9.45
CA LYS A 116 -19.16 16.44 10.41
C LYS A 116 -18.21 17.15 11.33
N THR A 117 -17.42 18.08 10.79
CA THR A 117 -16.46 18.80 11.64
C THR A 117 -17.21 19.66 12.64
N TRP A 118 -18.19 20.40 12.16
CA TRP A 118 -19.02 21.21 13.09
C TRP A 118 -19.58 20.34 14.22
N CYS A 119 -20.05 19.14 13.88
CA CYS A 119 -20.62 18.22 14.86
C CYS A 119 -19.60 17.74 15.90
N MET A 120 -18.38 17.48 15.45
CA MET A 120 -17.33 16.98 16.32
C MET A 120 -16.82 18.03 17.29
N ASN A 121 -16.76 19.30 16.86
CA ASN A 121 -16.10 20.34 17.64
C ASN A 121 -16.57 20.44 19.11
N PRO A 122 -17.91 20.49 19.38
CA PRO A 122 -18.29 20.67 20.80
C PRO A 122 -17.87 19.52 21.73
N ASP A 123 -17.77 18.30 21.20
CA ASP A 123 -17.29 17.17 21.99
C ASP A 123 -15.74 17.09 22.12
N GLN A 124 -15.00 17.97 21.44
CA GLN A 124 -13.54 17.94 21.56
C GLN A 124 -13.18 18.27 23.01
N GLY A 125 -12.38 17.41 23.67
CA GLY A 125 -12.04 17.63 25.08
C GLY A 125 -12.76 16.68 26.04
N LEU A 126 -13.77 15.96 25.56
CA LEU A 126 -14.40 14.92 26.41
C LEU A 126 -13.37 13.81 26.70
N ILE A 127 -13.52 13.14 27.83
CA ILE A 127 -12.64 11.96 28.14
C ILE A 127 -12.74 10.92 27.01
N LYS A 128 -11.60 10.42 26.55
CA LYS A 128 -11.60 9.38 25.53
C LYS A 128 -11.68 8.00 26.16
N PRO A 129 -12.56 7.14 25.62
CA PRO A 129 -12.67 5.81 26.14
C PRO A 129 -11.52 4.92 25.72
N ASP A 130 -11.30 3.88 26.49
CA ASP A 130 -10.29 2.84 26.11
C ASP A 130 -10.67 2.04 24.89
N VAL A 131 -11.97 1.71 24.79
CA VAL A 131 -12.50 0.94 23.68
C VAL A 131 -13.93 1.36 23.37
N VAL A 132 -14.30 1.27 22.09
CA VAL A 132 -15.68 1.42 21.65
C VAL A 132 -16.07 0.13 20.99
N PHE A 133 -17.10 -0.52 21.52
CA PHE A 133 -17.67 -1.68 20.83
C PHE A 133 -18.82 -1.19 19.93
N TYR A 134 -18.63 -1.31 18.62
CA TYR A 134 -19.66 -0.92 17.66
C TYR A 134 -20.46 -2.16 17.27
N LEU A 135 -21.72 -2.22 17.72
CA LEU A 135 -22.61 -3.35 17.44
C LEU A 135 -23.15 -3.09 16.02
N ASN A 136 -22.50 -3.77 15.07
CA ASN A 136 -22.74 -3.57 13.64
C ASN A 136 -23.94 -4.41 13.19
N VAL A 137 -25.05 -3.72 12.90
CA VAL A 137 -26.29 -4.36 12.36
C VAL A 137 -26.83 -3.52 11.17
N PRO A 138 -26.57 -3.95 9.91
CA PRO A 138 -27.17 -3.24 8.75
C PRO A 138 -28.69 -3.17 8.95
N PRO A 139 -29.30 -1.97 8.84
CA PRO A 139 -30.75 -1.89 9.08
C PRO A 139 -31.54 -2.36 7.85
N ASN A 140 -31.85 -3.66 7.80
CA ASN A 140 -32.48 -4.29 6.61
C ASN A 140 -33.96 -4.65 6.78
N TYR A 141 -34.46 -4.52 8.02
CA TYR A 141 -35.88 -4.77 8.36
C TYR A 141 -36.82 -3.74 7.72
N GLU A 150 -42.60 6.52 17.82
CA GLU A 150 -42.26 6.53 19.24
C GLU A 150 -41.14 7.55 19.52
N GLU A 151 -40.07 7.50 18.74
CA GLU A 151 -39.01 8.54 18.81
C GLU A 151 -38.61 9.05 17.43
N ILE A 152 -38.05 10.26 17.42
CA ILE A 152 -37.83 11.04 16.20
C ILE A 152 -36.96 10.33 15.14
N TYR A 153 -35.95 9.57 15.57
CA TYR A 153 -35.05 8.93 14.60
C TYR A 153 -35.42 7.47 14.28
N GLU A 154 -36.60 7.06 14.76
CA GLU A 154 -37.07 5.65 14.63
C GLU A 154 -37.12 5.02 13.21
N LYS A 155 -37.34 5.83 12.17
CA LYS A 155 -37.62 5.31 10.79
C LYS A 155 -36.45 4.58 10.16
N VAL A 156 -36.73 3.43 9.52
CA VAL A 156 -35.70 2.66 8.84
C VAL A 156 -34.93 3.52 7.81
N GLU A 157 -35.64 4.41 7.09
CA GLU A 157 -34.92 5.36 6.21
C GLU A 157 -33.83 6.21 6.96
N THR A 158 -34.18 6.65 8.18
CA THR A 158 -33.28 7.51 8.96
C THR A 158 -32.08 6.67 9.44
N GLN A 159 -32.37 5.48 9.97
CA GLN A 159 -31.33 4.52 10.42
C GLN A 159 -30.28 4.19 9.34
N LYS A 160 -30.71 4.03 8.07
CA LYS A 160 -29.77 3.74 6.95
C LYS A 160 -28.78 4.87 6.73
N LYS A 161 -29.22 6.12 6.87
CA LYS A 161 -28.28 7.24 6.70
C LYS A 161 -27.21 7.23 7.81
N ILE A 162 -27.66 6.92 9.02
CA ILE A 162 -26.79 6.91 10.22
C ILE A 162 -25.70 5.80 10.16
N TYR A 163 -26.09 4.64 9.63
CA TYR A 163 -25.17 3.53 9.42
C TYR A 163 -23.97 3.98 8.62
N GLU A 164 -24.23 4.78 7.58
CA GLU A 164 -23.16 5.30 6.72
C GLU A 164 -22.28 6.28 7.49
N THR A 165 -22.91 7.20 8.21
CA THR A 165 -22.13 8.20 8.94
C THR A 165 -21.28 7.60 10.07
N TYR A 166 -21.76 6.53 10.71
CA TYR A 166 -20.94 5.81 11.72
C TYR A 166 -19.61 5.30 11.19
N LYS A 167 -19.56 5.06 9.87
CA LYS A 167 -18.33 4.59 9.25
C LYS A 167 -17.15 5.60 9.35
N HIS A 168 -17.46 6.86 9.60
CA HIS A 168 -16.44 7.90 9.86
C HIS A 168 -15.39 7.41 10.87
N PHE A 169 -15.81 6.57 11.83
CA PHE A 169 -14.92 6.15 12.93
C PHE A 169 -14.31 4.78 12.80
N ALA A 170 -14.76 4.07 11.77
CA ALA A 170 -14.48 2.62 11.62
C ALA A 170 -13.00 2.19 11.70
N HIS A 171 -12.04 3.07 11.39
CA HIS A 171 -10.61 2.65 11.40
C HIS A 171 -9.78 3.17 12.52
N GLU A 172 -10.42 3.79 13.52
CA GLU A 172 -9.68 4.27 14.64
C GLU A 172 -9.27 3.07 15.51
N ASP A 173 -8.10 3.11 16.12
CA ASP A 173 -7.69 1.92 16.85
C ASP A 173 -8.44 1.66 18.14
N TYR A 174 -9.28 2.60 18.60
CA TYR A 174 -10.15 2.38 19.76
C TYR A 174 -11.47 1.68 19.36
N TRP A 175 -11.78 1.68 18.06
CA TRP A 175 -13.06 1.25 17.53
C TRP A 175 -13.04 -0.23 17.19
N ILE A 176 -13.84 -1.00 17.89
CA ILE A 176 -13.90 -2.44 17.69
C ILE A 176 -15.25 -2.79 17.09
N ASN A 177 -15.20 -3.20 15.82
CA ASN A 177 -16.40 -3.65 15.13
C ASN A 177 -16.85 -4.98 15.67
N ILE A 178 -18.12 -5.08 16.05
CA ILE A 178 -18.66 -6.33 16.54
C ILE A 178 -19.80 -6.76 15.62
N ASP A 179 -19.67 -7.95 15.01
CA ASP A 179 -20.76 -8.47 14.19
C ASP A 179 -21.92 -8.81 15.11
N ALA A 180 -22.91 -7.94 15.15
CA ALA A 180 -23.97 -8.06 16.09
C ALA A 180 -25.18 -8.84 15.52
N THR A 181 -24.97 -9.49 14.35
CA THR A 181 -25.96 -10.40 13.73
C THR A 181 -25.81 -11.85 14.23
N ARG A 182 -24.80 -12.10 15.07
CA ARG A 182 -24.58 -13.45 15.64
C ARG A 182 -25.43 -13.72 16.89
N LYS A 183 -25.38 -14.95 17.41
CA LYS A 183 -26.10 -15.25 18.65
C LYS A 183 -25.62 -14.31 19.79
N ILE A 184 -26.53 -13.98 20.69
CA ILE A 184 -26.25 -13.07 21.81
C ILE A 184 -25.07 -13.52 22.69
N GLU A 185 -25.03 -14.82 23.04
CA GLU A 185 -23.94 -15.43 23.81
CA GLU A 185 -23.93 -15.36 23.85
C GLU A 185 -22.61 -15.27 23.10
N ASP A 186 -22.63 -15.48 21.77
CA ASP A 186 -21.42 -15.37 20.94
C ASP A 186 -20.94 -13.93 20.78
N ILE A 187 -21.86 -12.98 20.70
CA ILE A 187 -21.48 -11.57 20.68
C ILE A 187 -20.81 -11.23 22.03
N HIS A 188 -21.42 -11.65 23.13
CA HIS A 188 -20.89 -11.40 24.47
C HIS A 188 -19.47 -12.02 24.67
N ASN A 189 -19.29 -13.25 24.17
CA ASN A 189 -17.97 -13.90 24.27
C ASN A 189 -16.94 -13.10 23.53
N ASP A 190 -17.33 -12.60 22.34
CA ASP A 190 -16.47 -11.79 21.49
CA ASP A 190 -16.43 -11.79 21.51
C ASP A 190 -16.00 -10.51 22.24
N ILE A 191 -16.95 -9.83 22.88
CA ILE A 191 -16.70 -8.61 23.69
C ILE A 191 -15.78 -8.89 24.91
N VAL A 192 -16.08 -9.95 25.64
CA VAL A 192 -15.30 -10.32 26.87
C VAL A 192 -13.83 -10.51 26.48
N LYS A 193 -13.62 -11.17 25.34
CA LYS A 193 -12.27 -11.39 24.77
C LYS A 193 -11.47 -10.12 24.54
N GLU A 194 -12.10 -9.12 23.89
CA GLU A 194 -11.47 -7.83 23.64
C GLU A 194 -11.20 -7.10 24.96
N VAL A 195 -12.13 -7.22 25.91
CA VAL A 195 -11.98 -6.57 27.22
C VAL A 195 -10.74 -7.12 27.96
N THR A 196 -10.49 -8.43 27.84
CA THR A 196 -9.28 -9.01 28.50
C THR A 196 -8.00 -8.48 27.89
N LYS A 197 -8.07 -7.88 26.69
CA LYS A 197 -6.86 -7.26 26.07
C LYS A 197 -6.52 -5.87 26.59
N ILE A 198 -7.45 -5.23 27.27
CA ILE A 198 -7.22 -3.87 27.78
C ILE A 198 -6.06 -3.86 28.77
N LYS A 199 -5.15 -2.89 28.57
CA LYS A 199 -3.99 -2.68 29.42
C LYS A 199 -4.41 -2.50 30.87
N VAL A 200 -3.78 -3.27 31.76
CA VAL A 200 -4.16 -3.32 33.15
C VAL A 200 -3.81 -2.04 33.97
N GLU A 201 -2.58 -1.53 33.84
CA GLU A 201 -2.05 -0.47 34.70
C GLU A 201 -2.68 0.93 34.50
N PRO A 202 -2.50 1.83 35.50
CA PRO A 202 -2.91 3.24 35.35
C PRO A 202 -2.18 3.97 34.21
N GLU A 203 -2.81 5.03 33.72
CA GLU A 203 -2.31 5.78 32.59
C GLU A 203 -2.86 7.19 32.65
N GLU A 204 -2.27 8.09 31.86
CA GLU A 204 -2.76 9.45 31.76
C GLU A 204 -4.10 9.44 31.03
N PHE A 205 -4.99 10.34 31.41
CA PHE A 205 -6.27 10.51 30.66
C PHE A 205 -5.95 11.01 29.27
N ASN A 206 -6.71 10.52 28.27
CA ASN A 206 -6.70 11.08 26.94
C ASN A 206 -8.10 11.66 26.65
N PHE A 207 -8.16 12.49 25.62
CA PHE A 207 -9.36 13.28 25.31
C PHE A 207 -9.69 13.27 23.83
N LEU A 208 -10.98 13.38 23.52
CA LEU A 208 -11.41 13.49 22.11
C LEU A 208 -10.83 14.78 21.54
N TRP A 209 -10.45 14.78 20.27
CA TRP A 209 -10.55 13.65 19.36
C TRP A 209 -9.12 13.11 19.07
N SER A 210 -8.31 13.02 20.10
CA SER A 210 -6.90 12.60 19.97
C SER A 210 -6.80 11.13 19.60
N MET B 1 -2.02 -26.15 -7.08
CA MET B 1 -1.16 -26.30 -8.30
C MET B 1 -1.74 -25.50 -9.47
N THR B 2 -3.06 -25.60 -9.65
CA THR B 2 -3.78 -24.64 -10.48
C THR B 2 -4.15 -23.40 -9.61
N ASP B 3 -3.54 -23.32 -8.41
CA ASP B 3 -3.84 -22.29 -7.39
C ASP B 3 -3.83 -20.89 -8.00
N ASP B 4 -4.89 -20.17 -7.69
CA ASP B 4 -5.17 -18.89 -8.28
C ASP B 4 -5.40 -17.89 -7.15
N LYS B 5 -4.90 -18.23 -5.96
CA LYS B 5 -5.08 -17.36 -4.79
C LYS B 5 -4.08 -16.22 -4.71
N LYS B 6 -4.59 -15.06 -4.30
CA LYS B 6 -3.78 -13.90 -4.02
C LYS B 6 -3.01 -14.13 -2.71
N LYS B 7 -1.69 -14.00 -2.78
CA LYS B 7 -0.82 -14.31 -1.63
C LYS B 7 -0.12 -13.10 -1.08
N GLY B 8 0.30 -12.20 -1.95
CA GLY B 8 0.94 -10.95 -1.51
C GLY B 8 -0.14 -9.95 -1.06
N LYS B 9 0.27 -8.88 -0.40
CA LYS B 9 -0.69 -7.83 -0.05
C LYS B 9 -0.51 -6.63 -0.97
N PHE B 10 -1.62 -5.92 -1.18
CA PHE B 10 -1.69 -4.81 -2.16
C PHE B 10 -2.14 -3.54 -1.40
N ILE B 11 -1.22 -2.58 -1.26
CA ILE B 11 -1.48 -1.34 -0.50
C ILE B 11 -1.42 -0.16 -1.47
N VAL B 12 -2.46 0.69 -1.43
CA VAL B 12 -2.46 1.91 -2.26
C VAL B 12 -2.34 3.16 -1.38
N PHE B 13 -1.55 4.13 -1.86
CA PHE B 13 -1.57 5.46 -1.30
C PHE B 13 -2.36 6.41 -2.19
N GLU B 14 -3.21 7.21 -1.54
CA GLU B 14 -3.96 8.28 -2.20
C GLU B 14 -3.73 9.62 -1.48
N GLY B 15 -4.11 10.72 -2.13
CA GLY B 15 -3.92 12.02 -1.51
C GLY B 15 -3.69 13.09 -2.56
N LEU B 16 -3.81 14.34 -2.17
CA LEU B 16 -3.60 15.44 -3.12
C LEU B 16 -2.13 15.50 -3.53
N ASP B 17 -1.83 16.32 -4.52
CA ASP B 17 -0.45 16.47 -4.90
C ASP B 17 0.28 17.14 -3.75
N ARG B 18 1.54 16.78 -3.55
CA ARG B 18 2.34 17.29 -2.39
C ARG B 18 1.77 16.90 -0.99
N SER B 19 1.12 15.73 -0.90
CA SER B 19 0.63 15.22 0.38
C SER B 19 1.63 14.31 1.11
N GLY B 20 2.80 14.09 0.51
CA GLY B 20 3.86 13.24 1.11
C GLY B 20 3.76 11.75 0.77
N LYS B 21 3.04 11.44 -0.32
CA LYS B 21 2.77 10.04 -0.73
C LYS B 21 4.01 9.24 -0.99
N SER B 22 4.93 9.79 -1.78
CA SER B 22 6.14 9.05 -2.12
C SER B 22 7.09 8.96 -0.92
N THR B 23 7.06 9.95 -0.01
CA THR B 23 7.86 9.84 1.22
C THR B 23 7.39 8.63 2.03
N GLN B 24 6.07 8.54 2.23
CA GLN B 24 5.49 7.47 3.03
C GLN B 24 5.55 6.09 2.35
N SER B 25 5.38 6.05 1.03
CA SER B 25 5.39 4.78 0.35
C SER B 25 6.81 4.20 0.33
N LYS B 26 7.81 5.06 0.15
CA LYS B 26 9.20 4.61 0.20
C LYS B 26 9.55 4.11 1.61
N LEU B 27 9.05 4.82 2.63
CA LEU B 27 9.23 4.41 4.02
C LEU B 27 8.62 3.03 4.33
N LEU B 28 7.38 2.82 3.87
CA LEU B 28 6.71 1.53 4.03
C LEU B 28 7.43 0.40 3.26
N VAL B 29 7.82 0.68 2.02
CA VAL B 29 8.59 -0.27 1.23
C VAL B 29 9.89 -0.72 1.97
N GLU B 30 10.67 0.25 2.46
CA GLU B 30 11.90 0.02 3.25
CA GLU B 30 11.90 -0.06 3.19
C GLU B 30 11.63 -0.88 4.45
N TYR B 31 10.54 -0.58 5.16
CA TYR B 31 10.12 -1.31 6.34
C TYR B 31 9.80 -2.76 5.99
N LEU B 32 9.07 -2.95 4.89
CA LEU B 32 8.70 -4.28 4.46
C LEU B 32 9.94 -5.09 4.06
N LYS B 33 10.85 -4.45 3.32
CA LYS B 33 12.11 -5.10 2.91
CA LYS B 33 12.10 -5.11 2.90
C LYS B 33 12.94 -5.50 4.12
N ASN B 34 12.99 -4.59 5.12
CA ASN B 34 13.70 -4.85 6.39
C ASN B 34 13.11 -5.99 7.20
N ASN B 35 11.88 -6.33 6.88
CA ASN B 35 11.22 -7.49 7.45
C ASN B 35 11.18 -8.69 6.46
N ASN B 36 12.11 -8.66 5.51
CA ASN B 36 12.29 -9.70 4.48
C ASN B 36 11.18 -9.90 3.44
N VAL B 37 10.12 -9.07 3.51
CA VAL B 37 8.98 -9.15 2.53
C VAL B 37 9.46 -8.70 1.15
N GLU B 38 9.14 -9.46 0.10
CA GLU B 38 9.48 -8.97 -1.22
C GLU B 38 8.34 -8.04 -1.64
N VAL B 39 8.71 -6.86 -2.09
CA VAL B 39 7.70 -5.85 -2.44
C VAL B 39 8.13 -5.04 -3.63
N LYS B 40 7.16 -4.71 -4.50
CA LYS B 40 7.39 -3.82 -5.61
C LYS B 40 6.67 -2.50 -5.33
N HIS B 41 7.30 -1.41 -5.69
CA HIS B 41 6.76 -0.07 -5.49
C HIS B 41 6.35 0.46 -6.85
N LEU B 42 5.04 0.63 -7.05
CA LEU B 42 4.52 1.08 -8.35
C LEU B 42 3.86 2.46 -8.18
N TYR B 43 3.60 3.12 -9.30
CA TYR B 43 3.12 4.51 -9.29
C TYR B 43 2.22 4.64 -10.49
N PHE B 44 1.11 5.38 -10.33
CA PHE B 44 0.27 5.78 -11.44
C PHE B 44 0.18 7.33 -11.47
N PRO B 45 0.19 7.93 -12.68
CA PRO B 45 0.33 7.22 -13.96
C PRO B 45 1.73 6.65 -14.17
N ASN B 46 1.83 5.56 -14.88
CA ASN B 46 3.12 5.16 -15.44
C ASN B 46 3.31 5.87 -16.81
N ARG B 47 4.14 6.89 -16.80
CA ARG B 47 4.35 7.79 -17.95
C ARG B 47 5.26 7.26 -19.03
N GLU B 48 5.84 6.07 -18.78
CA GLU B 48 6.82 5.51 -19.72
C GLU B 48 6.19 4.71 -20.81
N THR B 49 4.94 4.30 -20.61
CA THR B 49 4.30 3.46 -21.60
C THR B 49 3.85 4.33 -22.78
N GLY B 50 3.51 3.70 -23.89
CA GLY B 50 2.94 4.45 -25.04
C GLY B 50 1.76 5.31 -24.58
N ILE B 51 0.83 4.71 -23.82
CA ILE B 51 -0.32 5.45 -23.22
C ILE B 51 0.15 6.53 -22.25
N GLY B 52 1.09 6.16 -21.35
CA GLY B 52 1.59 7.08 -20.37
C GLY B 52 2.32 8.29 -20.92
N GLN B 53 2.95 8.15 -22.08
CA GLN B 53 3.60 9.27 -22.72
C GLN B 53 2.58 10.36 -23.18
N ILE B 54 1.40 9.93 -23.57
CA ILE B 54 0.32 10.84 -23.98
C ILE B 54 -0.25 11.53 -22.73
N ILE B 55 -0.46 10.74 -21.69
CA ILE B 55 -0.84 11.27 -20.38
C ILE B 55 0.13 12.34 -19.92
N SER B 56 1.42 12.09 -20.11
CA SER B 56 2.46 12.99 -19.65
C SER B 56 2.40 14.33 -20.41
N LYS B 57 2.18 14.27 -21.70
CA LYS B 57 1.99 15.51 -22.52
C LYS B 57 0.78 16.31 -22.03
N TYR B 58 -0.30 15.59 -21.71
CA TYR B 58 -1.49 16.20 -21.17
C TYR B 58 -1.17 16.95 -19.89
N LEU B 59 -0.50 16.26 -18.94
CA LEU B 59 -0.25 16.86 -17.65
C LEU B 59 0.70 18.04 -17.76
N LYS B 60 1.61 17.97 -18.72
CA LYS B 60 2.57 19.06 -18.92
C LYS B 60 2.06 20.17 -19.87
N MET B 61 0.83 20.01 -20.33
CA MET B 61 0.16 20.97 -21.26
C MET B 61 0.93 21.13 -22.58
N GLU B 62 1.62 20.04 -22.96
CA GLU B 62 2.25 19.90 -24.24
C GLU B 62 1.24 19.47 -25.32
N ASN B 63 0.11 18.89 -24.90
CA ASN B 63 -1.04 18.69 -25.77
C ASN B 63 -2.26 19.21 -25.04
N SER B 64 -3.42 19.11 -25.68
CA SER B 64 -4.72 19.22 -24.99
C SER B 64 -5.58 18.05 -25.41
N MET B 65 -6.42 17.59 -24.49
CA MET B 65 -7.31 16.49 -24.72
C MET B 65 -8.63 16.75 -24.02
N SER B 66 -9.68 16.22 -24.59
CA SER B 66 -11.00 16.32 -24.02
C SER B 66 -11.05 15.56 -22.70
N ASN B 67 -12.04 15.87 -21.88
CA ASN B 67 -12.12 15.30 -20.54
C ASN B 67 -12.21 13.78 -20.55
N GLU B 68 -13.09 13.26 -21.40
CA GLU B 68 -13.35 11.83 -21.48
C GLU B 68 -12.16 11.06 -22.04
N THR B 69 -11.50 11.66 -23.05
CA THR B 69 -10.34 11.08 -23.64
C THR B 69 -9.25 10.81 -22.58
N ILE B 70 -8.84 11.87 -21.88
CA ILE B 70 -7.79 11.74 -20.87
C ILE B 70 -8.22 10.79 -19.72
N HIS B 71 -9.47 10.90 -19.28
CA HIS B 71 -9.98 10.00 -18.24
C HIS B 71 -9.81 8.54 -18.61
N LEU B 72 -10.23 8.18 -19.83
CA LEU B 72 -10.07 6.81 -20.32
C LEU B 72 -8.60 6.37 -20.47
N LEU B 73 -7.70 7.28 -20.85
CA LEU B 73 -6.27 6.91 -20.91
C LEU B 73 -5.74 6.61 -19.50
N PHE B 74 -6.11 7.42 -18.52
CA PHE B 74 -5.66 7.11 -17.14
C PHE B 74 -6.08 5.71 -16.72
N SER B 75 -7.33 5.32 -17.02
CA SER B 75 -7.81 3.94 -16.75
C SER B 75 -7.08 2.85 -17.57
N ALA B 76 -6.97 3.05 -18.88
CA ALA B 76 -6.19 2.12 -19.72
C ALA B 76 -4.75 1.90 -19.20
N ASN B 77 -4.13 2.95 -18.69
CA ASN B 77 -2.78 2.90 -18.15
C ASN B 77 -2.74 2.01 -16.87
N ARG B 78 -3.84 1.91 -16.13
CA ARG B 78 -3.88 0.93 -15.03
C ARG B 78 -4.08 -0.50 -15.58
N TRP B 79 -5.00 -0.64 -16.53
CA TRP B 79 -5.29 -1.95 -17.09
C TRP B 79 -4.07 -2.59 -17.70
N GLU B 80 -3.19 -1.79 -18.33
CA GLU B 80 -2.03 -2.41 -18.98
C GLU B 80 -1.02 -2.99 -17.95
N HIS B 81 -1.28 -2.73 -16.65
CA HIS B 81 -0.44 -3.22 -15.53
C HIS B 81 -1.09 -4.34 -14.75
N MET B 82 -2.32 -4.71 -15.13
CA MET B 82 -3.04 -5.70 -14.32
C MET B 82 -2.42 -7.09 -14.37
N ASN B 83 -1.96 -7.47 -15.55
CA ASN B 83 -1.27 -8.76 -15.67
C ASN B 83 -0.03 -8.86 -14.79
N GLU B 84 0.82 -7.84 -14.82
CA GLU B 84 2.05 -7.74 -13.98
CA GLU B 84 2.02 -7.91 -14.01
C GLU B 84 1.70 -7.84 -12.51
N ILE B 85 0.65 -7.09 -12.13
CA ILE B 85 0.27 -6.96 -10.73
C ILE B 85 -0.32 -8.26 -10.19
N LYS B 86 -1.21 -8.86 -10.97
CA LYS B 86 -1.76 -10.17 -10.65
C LYS B 86 -0.62 -11.20 -10.44
N SER B 87 0.36 -11.20 -11.34
CA SER B 87 1.48 -12.18 -11.30
C SER B 87 2.31 -12.03 -10.03
N LEU B 88 2.63 -10.77 -9.69
CA LEU B 88 3.31 -10.47 -8.41
C LEU B 88 2.53 -11.02 -7.21
N LEU B 89 1.27 -10.61 -7.09
CA LEU B 89 0.43 -10.94 -5.94
C LEU B 89 0.14 -12.44 -5.82
N LEU B 90 0.03 -13.10 -6.98
CA LEU B 90 -0.12 -14.56 -7.05
C LEU B 90 1.13 -15.28 -6.42
N LYS B 91 2.31 -14.75 -6.66
CA LYS B 91 3.59 -15.32 -6.19
C LYS B 91 3.82 -15.11 -4.71
N GLY B 92 3.22 -14.05 -4.16
CA GLY B 92 3.40 -13.67 -2.75
C GLY B 92 4.21 -12.38 -2.60
N ILE B 93 4.50 -11.72 -3.72
CA ILE B 93 5.19 -10.42 -3.69
C ILE B 93 4.13 -9.36 -3.42
N TRP B 94 4.43 -8.46 -2.48
CA TRP B 94 3.53 -7.39 -2.16
C TRP B 94 3.66 -6.26 -3.19
N VAL B 95 2.60 -5.43 -3.27
CA VAL B 95 2.64 -4.25 -4.14
C VAL B 95 2.23 -3.02 -3.33
N VAL B 96 3.09 -1.99 -3.33
CA VAL B 96 2.79 -0.72 -2.70
C VAL B 96 2.68 0.21 -3.90
N CYS B 97 1.56 0.90 -4.03
CA CYS B 97 1.30 1.68 -5.23
CA CYS B 97 1.41 1.74 -5.19
C CYS B 97 0.84 3.12 -4.91
N ASP B 98 1.54 4.11 -5.46
CA ASP B 98 1.23 5.51 -5.27
CA ASP B 98 1.19 5.50 -5.28
C ASP B 98 0.23 5.91 -6.38
N ARG B 99 -1.07 6.06 -5.99
CA ARG B 99 -2.24 6.37 -6.84
C ARG B 99 -2.82 5.18 -7.55
N TYR B 100 -4.14 5.21 -7.67
CA TYR B 100 -4.85 4.16 -8.30
C TYR B 100 -6.16 4.69 -8.88
N ALA B 101 -7.16 3.82 -8.96
CA ALA B 101 -8.43 4.21 -9.56
C ALA B 101 -9.09 5.36 -8.82
N TYR B 102 -8.85 5.47 -7.50
CA TYR B 102 -9.45 6.53 -6.64
C TYR B 102 -8.99 7.89 -7.12
N SER B 103 -7.69 8.03 -7.41
CA SER B 103 -7.18 9.24 -8.07
C SER B 103 -7.97 9.53 -9.34
N GLY B 104 -8.18 8.50 -10.16
CA GLY B 104 -8.87 8.67 -11.46
C GLY B 104 -10.25 9.32 -11.29
N VAL B 105 -10.98 8.83 -10.30
CA VAL B 105 -12.33 9.29 -10.03
C VAL B 105 -12.32 10.70 -9.40
N ALA B 106 -11.50 10.89 -8.36
CA ALA B 106 -11.43 12.17 -7.64
C ALA B 106 -10.95 13.33 -8.53
N TYR B 107 -9.87 13.08 -9.27
CA TYR B 107 -9.31 14.11 -10.16
C TYR B 107 -10.27 14.45 -11.32
N SER B 108 -10.81 13.45 -12.00
CA SER B 108 -11.69 13.74 -13.15
C SER B 108 -13.01 14.38 -12.72
N SER B 109 -13.59 13.91 -11.60
CA SER B 109 -14.85 14.50 -11.13
C SER B 109 -14.62 15.91 -10.54
N GLY B 110 -13.50 16.11 -9.85
CA GLY B 110 -13.19 17.35 -9.17
C GLY B 110 -12.72 18.43 -10.12
N ALA B 111 -11.78 18.07 -11.01
CA ALA B 111 -11.17 19.05 -11.93
C ALA B 111 -11.93 19.24 -13.25
N LEU B 112 -12.56 18.18 -13.74
CA LEU B 112 -13.13 18.16 -15.09
C LEU B 112 -14.63 18.06 -15.05
N ASN B 113 -15.19 17.99 -13.82
CA ASN B 113 -16.65 17.94 -13.61
C ASN B 113 -17.31 16.75 -14.27
N LEU B 114 -16.56 15.66 -14.43
CA LEU B 114 -17.12 14.46 -15.01
C LEU B 114 -17.97 13.76 -13.98
N ASN B 115 -19.00 13.03 -14.46
CA ASN B 115 -19.91 12.29 -13.58
C ASN B 115 -19.14 11.17 -12.88
N LYS B 116 -19.32 11.02 -11.56
CA LYS B 116 -18.53 10.00 -10.78
C LYS B 116 -18.73 8.56 -11.27
N THR B 117 -19.98 8.19 -11.57
CA THR B 117 -20.28 6.85 -12.02
C THR B 117 -19.66 6.58 -13.37
N TRP B 118 -19.83 7.53 -14.29
CA TRP B 118 -19.15 7.43 -15.57
C TRP B 118 -17.64 7.25 -15.34
N CYS B 119 -17.07 7.99 -14.40
CA CYS B 119 -15.64 7.93 -14.09
C CYS B 119 -15.22 6.56 -13.55
N MET B 120 -16.10 5.94 -12.77
CA MET B 120 -15.80 4.66 -12.10
C MET B 120 -15.83 3.48 -13.06
N ASN B 121 -16.81 3.49 -13.98
CA ASN B 121 -17.05 2.36 -14.87
C ASN B 121 -15.83 1.74 -15.56
N PRO B 122 -14.93 2.58 -16.18
CA PRO B 122 -13.82 1.92 -16.88
C PRO B 122 -12.87 1.15 -15.93
N ASP B 123 -12.77 1.59 -14.67
CA ASP B 123 -11.91 0.91 -13.69
C ASP B 123 -12.56 -0.32 -13.03
N GLN B 124 -13.83 -0.52 -13.31
CA GLN B 124 -14.54 -1.67 -12.81
C GLN B 124 -13.87 -2.94 -13.29
N GLY B 125 -13.42 -3.78 -12.36
CA GLY B 125 -12.76 -5.01 -12.76
C GLY B 125 -11.28 -5.02 -12.43
N LEU B 126 -10.69 -3.85 -12.14
CA LEU B 126 -9.27 -3.78 -11.72
C LEU B 126 -9.10 -4.57 -10.44
N ILE B 127 -7.88 -5.04 -10.16
CA ILE B 127 -7.63 -5.70 -8.86
C ILE B 127 -7.91 -4.75 -7.69
N LYS B 128 -8.70 -5.19 -6.70
CA LYS B 128 -8.93 -4.36 -5.50
C LYS B 128 -7.82 -4.52 -4.46
N PRO B 129 -7.30 -3.40 -3.90
CA PRO B 129 -6.27 -3.48 -2.88
C PRO B 129 -6.82 -3.87 -1.51
N ASP B 130 -5.94 -4.32 -0.62
CA ASP B 130 -6.31 -4.68 0.75
C ASP B 130 -6.63 -3.48 1.59
N VAL B 131 -5.90 -2.39 1.37
CA VAL B 131 -6.08 -1.16 2.06
C VAL B 131 -5.64 0.07 1.21
N VAL B 132 -6.28 1.22 1.47
CA VAL B 132 -5.90 2.51 0.86
C VAL B 132 -5.59 3.49 1.96
N PHE B 133 -4.35 3.97 2.00
CA PHE B 133 -3.99 5.06 2.87
C PHE B 133 -4.18 6.41 2.17
N TYR B 134 -5.11 7.20 2.70
CA TYR B 134 -5.35 8.54 2.16
C TYR B 134 -4.64 9.57 3.01
N LEU B 135 -3.59 10.16 2.44
CA LEU B 135 -2.80 11.16 3.13
C LEU B 135 -3.56 12.50 2.97
N ASN B 136 -4.14 12.94 4.07
CA ASN B 136 -5.06 14.07 4.12
C ASN B 136 -4.30 15.35 4.49
N VAL B 137 -4.18 16.25 3.50
CA VAL B 137 -3.59 17.57 3.67
C VAL B 137 -4.56 18.59 3.04
N PRO B 138 -5.29 19.34 3.88
CA PRO B 138 -6.15 20.43 3.39
C PRO B 138 -5.30 21.39 2.55
N PRO B 139 -5.70 21.63 1.29
CA PRO B 139 -4.89 22.56 0.49
C PRO B 139 -5.11 24.03 0.92
N ASN B 140 -4.03 24.83 0.92
CA ASN B 140 -4.13 26.28 1.14
C ASN B 140 -2.98 27.04 0.50
N TYR B 141 -3.02 28.35 0.59
CA TYR B 141 -2.06 29.22 -0.07
C TYR B 141 -0.73 29.41 0.66
N ALA B 142 -0.58 28.83 1.86
CA ALA B 142 0.69 28.94 2.62
C ALA B 142 1.53 27.63 2.73
N GLN B 143 1.72 26.95 1.60
CA GLN B 143 2.37 25.62 1.56
C GLN B 143 3.65 25.52 0.71
N GLU B 150 4.67 22.69 -12.37
CA GLU B 150 4.39 22.78 -13.79
C GLU B 150 3.55 21.62 -14.41
N GLU B 151 2.41 21.35 -13.77
CA GLU B 151 1.42 20.36 -14.22
CA GLU B 151 1.45 20.40 -14.30
C GLU B 151 0.01 20.93 -14.12
N ILE B 152 -0.89 20.42 -14.94
CA ILE B 152 -2.24 20.94 -15.14
C ILE B 152 -3.08 21.14 -13.87
N TYR B 153 -3.04 20.19 -12.92
CA TYR B 153 -3.91 20.24 -11.74
C TYR B 153 -3.25 20.90 -10.52
N GLU B 154 -2.11 21.56 -10.74
CA GLU B 154 -1.24 22.14 -9.70
C GLU B 154 -1.80 23.29 -8.87
N LYS B 155 -2.81 24.01 -9.37
CA LYS B 155 -3.29 25.22 -8.69
C LYS B 155 -4.09 24.88 -7.46
N VAL B 156 -3.95 25.70 -6.43
CA VAL B 156 -4.67 25.49 -5.15
C VAL B 156 -6.18 25.34 -5.35
N GLU B 157 -6.77 26.23 -6.16
CA GLU B 157 -8.19 26.17 -6.49
C GLU B 157 -8.64 24.80 -7.02
N THR B 158 -7.80 24.19 -7.85
CA THR B 158 -8.10 22.86 -8.41
C THR B 158 -7.95 21.84 -7.30
N GLN B 159 -6.87 21.94 -6.52
CA GLN B 159 -6.60 21.02 -5.40
C GLN B 159 -7.76 21.02 -4.39
N LYS B 160 -8.32 22.21 -4.12
CA LYS B 160 -9.48 22.29 -3.21
C LYS B 160 -10.69 21.55 -3.75
N LYS B 161 -10.94 21.64 -5.06
CA LYS B 161 -12.07 20.88 -5.65
C LYS B 161 -11.92 19.35 -5.49
N ILE B 162 -10.70 18.88 -5.71
CA ILE B 162 -10.41 17.44 -5.66
C ILE B 162 -10.41 16.93 -4.20
N TYR B 163 -9.91 17.76 -3.28
CA TYR B 163 -10.01 17.46 -1.82
C TYR B 163 -11.46 17.08 -1.47
N GLU B 164 -12.42 17.78 -2.09
CA GLU B 164 -13.83 17.48 -1.86
C GLU B 164 -14.33 16.20 -2.52
N THR B 165 -13.98 16.00 -3.79
CA THR B 165 -14.44 14.78 -4.47
C THR B 165 -13.76 13.51 -3.91
N TYR B 166 -12.57 13.64 -3.33
CA TYR B 166 -11.91 12.51 -2.63
C TYR B 166 -12.80 11.99 -1.50
N LYS B 167 -13.66 12.86 -0.94
CA LYS B 167 -14.59 12.44 0.12
C LYS B 167 -15.59 11.38 -0.32
N HIS B 168 -15.74 11.20 -1.64
CA HIS B 168 -16.56 10.12 -2.20
C HIS B 168 -16.21 8.71 -1.65
N PHE B 169 -14.95 8.52 -1.26
CA PHE B 169 -14.49 7.22 -0.79
C PHE B 169 -14.32 7.16 0.73
N ALA B 170 -14.60 8.29 1.40
CA ALA B 170 -14.28 8.49 2.82
C ALA B 170 -14.92 7.48 3.79
N HIS B 171 -16.00 6.84 3.37
CA HIS B 171 -16.72 5.82 4.20
C HIS B 171 -16.52 4.38 3.82
N GLU B 172 -15.62 4.13 2.87
CA GLU B 172 -15.37 2.79 2.41
C GLU B 172 -14.57 2.03 3.43
N ASP B 173 -14.87 0.73 3.54
CA ASP B 173 -14.27 -0.14 4.54
CA ASP B 173 -14.26 -0.04 4.59
C ASP B 173 -12.76 -0.23 4.37
N TYR B 174 -12.29 -0.06 3.12
CA TYR B 174 -10.83 -0.15 2.79
C TYR B 174 -10.03 1.16 2.92
N TRP B 175 -10.75 2.27 3.13
CA TRP B 175 -10.21 3.63 3.08
C TRP B 175 -9.76 4.13 4.43
N ILE B 176 -8.46 4.35 4.61
CA ILE B 176 -7.92 4.81 5.88
C ILE B 176 -7.42 6.25 5.77
N ASN B 177 -8.16 7.16 6.43
CA ASN B 177 -7.76 8.57 6.48
C ASN B 177 -6.57 8.73 7.42
N ILE B 178 -5.54 9.42 6.95
CA ILE B 178 -4.36 9.68 7.73
C ILE B 178 -4.17 11.20 7.77
N ASP B 179 -4.10 11.79 8.97
CA ASP B 179 -3.75 13.20 9.09
C ASP B 179 -2.28 13.37 8.70
N ALA B 180 -2.04 13.92 7.50
CA ALA B 180 -0.70 14.01 6.95
C ALA B 180 -0.07 15.39 7.12
N THR B 181 -0.57 16.14 8.11
CA THR B 181 0.08 17.38 8.53
C THR B 181 1.04 17.12 9.69
N ARG B 182 1.04 15.89 10.20
CA ARG B 182 1.93 15.52 11.32
C ARG B 182 3.33 15.16 10.87
N LYS B 183 4.21 14.90 11.85
CA LYS B 183 5.61 14.48 11.59
C LYS B 183 5.65 13.27 10.67
N ILE B 184 6.67 13.22 9.81
CA ILE B 184 6.87 12.09 8.90
C ILE B 184 6.85 10.77 9.67
N GLU B 185 7.50 10.79 10.84
CA GLU B 185 7.68 9.63 11.69
C GLU B 185 6.36 9.10 12.20
N ASP B 186 5.48 9.98 12.67
CA ASP B 186 4.20 9.58 13.27
C ASP B 186 3.22 9.01 12.26
N ILE B 187 3.25 9.58 11.05
CA ILE B 187 2.39 9.12 9.96
C ILE B 187 2.81 7.68 9.65
N HIS B 188 4.12 7.49 9.49
CA HIS B 188 4.70 6.20 9.14
C HIS B 188 4.38 5.15 10.23
N ASN B 189 4.51 5.55 11.49
CA ASN B 189 4.17 4.66 12.62
C ASN B 189 2.70 4.23 12.56
N ASP B 190 1.82 5.15 12.22
CA ASP B 190 0.39 4.81 12.03
C ASP B 190 0.15 3.87 10.85
N ILE B 191 0.87 4.09 9.75
CA ILE B 191 0.74 3.21 8.58
C ILE B 191 1.18 1.77 8.91
N VAL B 192 2.36 1.63 9.51
CA VAL B 192 2.93 0.32 9.92
C VAL B 192 1.91 -0.43 10.80
N LYS B 193 1.35 0.30 11.77
CA LYS B 193 0.40 -0.26 12.73
C LYS B 193 -0.78 -0.87 12.00
N GLU B 194 -1.29 -0.15 11.00
CA GLU B 194 -2.41 -0.61 10.19
C GLU B 194 -2.04 -1.79 9.28
N VAL B 195 -0.83 -1.75 8.71
CA VAL B 195 -0.36 -2.83 7.82
C VAL B 195 -0.28 -4.16 8.63
N THR B 196 0.15 -4.04 9.90
CA THR B 196 0.20 -5.17 10.87
CA THR B 196 0.22 -5.20 10.80
C THR B 196 -1.15 -5.87 11.02
N LYS B 197 -2.22 -5.10 10.86
CA LYS B 197 -3.59 -5.62 10.93
C LYS B 197 -4.04 -6.41 9.70
N ILE B 198 -3.32 -6.30 8.59
CA ILE B 198 -3.70 -7.06 7.37
C ILE B 198 -3.60 -8.59 7.59
N LYS B 199 -4.69 -9.30 7.23
CA LYS B 199 -4.81 -10.77 7.29
C LYS B 199 -3.63 -11.46 6.57
N VAL B 200 -2.94 -12.37 7.27
CA VAL B 200 -1.70 -12.99 6.75
C VAL B 200 -1.91 -13.93 5.54
N GLU B 201 -2.97 -14.76 5.60
CA GLU B 201 -3.13 -15.93 4.72
C GLU B 201 -3.54 -15.60 3.29
N PRO B 202 -3.34 -16.55 2.33
CA PRO B 202 -3.86 -16.36 0.96
C PRO B 202 -5.39 -16.28 0.90
N GLU B 203 -5.89 -15.59 -0.13
CA GLU B 203 -7.33 -15.34 -0.31
CA GLU B 203 -7.34 -15.48 -0.34
C GLU B 203 -7.66 -15.22 -1.80
N GLU B 204 -8.95 -15.22 -2.13
CA GLU B 204 -9.35 -14.98 -3.49
C GLU B 204 -9.12 -13.50 -3.81
N PHE B 205 -8.76 -13.22 -5.05
CA PHE B 205 -8.66 -11.84 -5.53
C PHE B 205 -10.02 -11.19 -5.45
N ASN B 206 -10.05 -9.91 -5.14
CA ASN B 206 -11.28 -9.14 -5.28
C ASN B 206 -11.02 -8.02 -6.30
N PHE B 207 -12.11 -7.44 -6.79
CA PHE B 207 -12.02 -6.48 -7.91
C PHE B 207 -12.88 -5.26 -7.65
N LEU B 208 -12.46 -4.11 -8.18
CA LEU B 208 -13.30 -2.91 -8.13
C LEU B 208 -14.61 -3.18 -8.87
N TRP B 209 -15.74 -2.65 -8.40
CA TRP B 209 -15.86 -1.79 -7.24
C TRP B 209 -16.60 -2.54 -6.10
N SER B 210 -16.14 -3.74 -5.80
CA SER B 210 -16.78 -4.54 -4.76
C SER B 210 -16.31 -4.14 -3.38
N ASP C 3 -1.33 -14.84 -30.78
CA ASP C 3 0.06 -14.46 -31.17
C ASP C 3 1.03 -14.63 -29.99
N ASP C 4 2.20 -15.15 -30.32
CA ASP C 4 3.15 -15.63 -29.33
C ASP C 4 4.55 -15.11 -29.63
N LYS C 5 4.63 -14.10 -30.49
CA LYS C 5 5.92 -13.62 -30.95
C LYS C 5 6.55 -12.64 -29.99
N LYS C 6 7.87 -12.74 -29.92
CA LYS C 6 8.70 -11.82 -29.23
C LYS C 6 8.77 -10.51 -30.02
N LYS C 7 8.36 -9.43 -29.37
CA LYS C 7 8.25 -8.12 -30.03
C LYS C 7 9.30 -7.13 -29.53
N GLY C 8 9.55 -7.11 -28.22
CA GLY C 8 10.62 -6.28 -27.67
C GLY C 8 11.98 -6.93 -27.94
N LYS C 9 13.05 -6.16 -27.71
CA LYS C 9 14.40 -6.67 -27.85
C LYS C 9 15.08 -6.79 -26.48
N PHE C 10 16.00 -7.73 -26.40
CA PHE C 10 16.56 -8.19 -25.12
C PHE C 10 18.08 -8.09 -25.20
N ILE C 11 18.63 -7.18 -24.43
CA ILE C 11 20.06 -6.88 -24.42
C ILE C 11 20.63 -7.18 -23.03
N VAL C 12 21.77 -7.92 -22.99
CA VAL C 12 22.45 -8.24 -21.71
C VAL C 12 23.80 -7.54 -21.66
N PHE C 13 24.18 -7.01 -20.49
CA PHE C 13 25.55 -6.57 -20.23
C PHE C 13 26.31 -7.61 -19.35
N GLU C 14 27.50 -7.99 -19.81
CA GLU C 14 28.38 -8.90 -19.09
C GLU C 14 29.73 -8.22 -18.90
N GLY C 15 30.48 -8.68 -17.90
CA GLY C 15 31.78 -8.08 -17.61
C GLY C 15 32.21 -8.25 -16.18
N LEU C 16 33.48 -7.97 -15.90
CA LEU C 16 33.99 -8.09 -14.55
C LEU C 16 33.31 -7.07 -13.63
N ASP C 17 33.48 -7.25 -12.32
CA ASP C 17 32.80 -6.43 -11.35
C ASP C 17 33.13 -4.93 -11.58
N ARG C 18 34.38 -4.60 -11.87
CA ARG C 18 34.73 -3.18 -12.03
C ARG C 18 34.45 -2.57 -13.42
N SER C 19 33.69 -3.27 -14.27
CA SER C 19 33.69 -2.95 -15.71
C SER C 19 32.76 -1.83 -16.24
N GLY C 20 31.94 -1.21 -15.38
CA GLY C 20 31.04 -0.09 -15.76
C GLY C 20 29.69 -0.50 -16.36
N LYS C 21 29.24 -1.73 -16.08
CA LYS C 21 27.96 -2.27 -16.58
C LYS C 21 26.73 -1.43 -16.24
N SER C 22 26.62 -0.98 -14.99
CA SER C 22 25.45 -0.20 -14.59
C SER C 22 25.44 1.20 -15.24
N THR C 23 26.62 1.83 -15.32
CA THR C 23 26.77 3.11 -16.00
C THR C 23 26.29 3.01 -17.43
N GLN C 24 26.75 1.97 -18.12
CA GLN C 24 26.46 1.77 -19.52
C GLN C 24 25.04 1.30 -19.81
N SER C 25 24.47 0.44 -18.93
CA SER C 25 23.09 0.03 -19.10
CA SER C 25 23.07 0.03 -19.02
C SER C 25 22.15 1.22 -18.84
N LYS C 26 22.47 2.05 -17.85
CA LYS C 26 21.68 3.27 -17.55
C LYS C 26 21.68 4.21 -18.77
N LEU C 27 22.86 4.46 -19.35
CA LEU C 27 22.97 5.33 -20.52
C LEU C 27 22.21 4.78 -21.71
N LEU C 28 22.27 3.44 -21.89
CA LEU C 28 21.52 2.80 -22.97
C LEU C 28 20.01 2.93 -22.78
N VAL C 29 19.53 2.63 -21.57
CA VAL C 29 18.12 2.76 -21.25
C VAL C 29 17.63 4.19 -21.53
N GLU C 30 18.45 5.19 -21.14
CA GLU C 30 18.14 6.62 -21.35
C GLU C 30 18.01 6.90 -22.84
N TYR C 31 18.96 6.38 -23.63
CA TYR C 31 18.93 6.56 -25.09
C TYR C 31 17.65 5.96 -25.69
N LEU C 32 17.32 4.72 -25.33
CA LEU C 32 16.12 4.07 -25.83
C LEU C 32 14.84 4.84 -25.47
N LYS C 33 14.76 5.32 -24.22
CA LYS C 33 13.58 6.06 -23.73
C LYS C 33 13.41 7.36 -24.53
N ASN C 34 14.54 8.00 -24.88
CA ASN C 34 14.52 9.20 -25.71
C ASN C 34 13.94 8.96 -27.10
N ASN C 35 14.09 7.75 -27.59
CA ASN C 35 13.44 7.33 -28.83
C ASN C 35 12.06 6.69 -28.62
N ASN C 36 11.45 7.07 -27.49
CA ASN C 36 10.07 6.66 -27.07
C ASN C 36 9.85 5.15 -26.88
N VAL C 37 10.96 4.39 -27.03
CA VAL C 37 11.01 2.90 -26.78
C VAL C 37 10.77 2.63 -25.32
N GLU C 38 9.83 1.74 -25.01
CA GLU C 38 9.64 1.37 -23.60
CA GLU C 38 9.59 1.34 -23.65
C GLU C 38 10.64 0.27 -23.30
N VAL C 39 11.27 0.40 -22.14
CA VAL C 39 12.34 -0.50 -21.74
C VAL C 39 12.35 -0.62 -20.23
N LYS C 40 12.68 -1.82 -19.75
CA LYS C 40 12.89 -2.07 -18.33
C LYS C 40 14.36 -2.39 -18.15
N HIS C 41 14.95 -1.83 -17.10
CA HIS C 41 16.36 -2.09 -16.77
C HIS C 41 16.34 -3.16 -15.64
N LEU C 42 16.82 -4.37 -15.96
CA LEU C 42 16.88 -5.45 -14.96
C LEU C 42 18.34 -5.76 -14.62
N TYR C 43 18.52 -6.53 -13.56
CA TYR C 43 19.87 -6.93 -13.16
C TYR C 43 19.80 -8.28 -12.42
N PHE C 44 20.85 -9.06 -12.56
CA PHE C 44 21.02 -10.30 -11.80
C PHE C 44 22.35 -10.25 -11.03
N PRO C 45 22.36 -10.83 -9.81
CA PRO C 45 21.24 -11.41 -9.11
C PRO C 45 20.23 -10.35 -8.70
N ASN C 46 18.96 -10.74 -8.59
CA ASN C 46 18.00 -9.90 -7.95
C ASN C 46 18.01 -10.29 -6.47
N ARG C 47 18.65 -9.48 -5.65
CA ARG C 47 18.91 -9.81 -4.24
C ARG C 47 17.70 -9.68 -3.33
N GLU C 48 16.60 -9.14 -3.89
CA GLU C 48 15.41 -8.89 -3.10
C GLU C 48 14.43 -10.06 -2.96
N THR C 49 14.53 -11.05 -3.83
CA THR C 49 13.59 -12.18 -3.74
C THR C 49 14.05 -13.09 -2.54
N GLY C 50 13.22 -14.03 -2.08
CA GLY C 50 13.65 -15.01 -1.04
C GLY C 50 15.00 -15.65 -1.40
N ILE C 51 15.11 -16.12 -2.65
CA ILE C 51 16.35 -16.72 -3.20
C ILE C 51 17.48 -15.70 -3.25
N GLY C 52 17.17 -14.48 -3.73
CA GLY C 52 18.20 -13.45 -3.84
C GLY C 52 18.80 -13.05 -2.51
N GLN C 53 18.00 -13.09 -1.46
CA GLN C 53 18.48 -12.68 -0.12
C GLN C 53 19.49 -13.69 0.41
N ILE C 54 19.33 -14.95 0.00
CA ILE C 54 20.32 -15.98 0.34
C ILE C 54 21.58 -15.75 -0.42
N ILE C 55 21.43 -15.42 -1.71
CA ILE C 55 22.55 -15.07 -2.54
C ILE C 55 23.32 -13.89 -1.99
N SER C 56 22.57 -12.91 -1.49
CA SER C 56 23.17 -11.70 -0.97
C SER C 56 24.05 -12.04 0.28
N LYS C 57 23.51 -12.87 1.19
CA LYS C 57 24.32 -13.36 2.37
C LYS C 57 25.61 -14.04 1.93
N TYR C 58 25.52 -14.86 0.91
CA TYR C 58 26.68 -15.54 0.36
C TYR C 58 27.74 -14.54 -0.16
N LEU C 59 27.27 -13.56 -0.96
CA LEU C 59 28.20 -12.59 -1.53
C LEU C 59 28.85 -11.72 -0.46
N LYS C 60 28.11 -11.43 0.61
CA LYS C 60 28.59 -10.62 1.73
CA LYS C 60 28.60 -10.61 1.72
C LYS C 60 29.35 -11.45 2.76
N MET C 61 29.46 -12.75 2.51
CA MET C 61 30.10 -13.71 3.47
C MET C 61 29.44 -13.72 4.85
N GLU C 62 28.12 -13.50 4.86
CA GLU C 62 27.34 -13.62 6.06
C GLU C 62 26.91 -15.07 6.31
N ASN C 63 27.04 -15.86 5.24
CA ASN C 63 26.89 -17.32 5.31
C ASN C 63 28.01 -17.93 4.48
N SER C 64 28.08 -19.26 4.45
CA SER C 64 28.88 -19.95 3.45
C SER C 64 27.98 -21.04 2.91
N MET C 65 28.22 -21.36 1.66
CA MET C 65 27.46 -22.32 0.94
C MET C 65 28.39 -23.08 0.04
N SER C 66 28.03 -24.31 -0.29
CA SER C 66 28.84 -25.09 -1.17
C SER C 66 28.73 -24.57 -2.60
N ASN C 67 29.72 -24.92 -3.43
CA ASN C 67 29.81 -24.46 -4.82
C ASN C 67 28.56 -24.74 -5.63
N GLU C 68 28.06 -25.98 -5.55
CA GLU C 68 26.86 -26.36 -6.32
C GLU C 68 25.57 -25.66 -5.80
N THR C 69 25.50 -25.50 -4.49
CA THR C 69 24.34 -24.89 -3.84
C THR C 69 24.18 -23.47 -4.35
N ILE C 70 25.24 -22.66 -4.23
CA ILE C 70 25.15 -21.27 -4.72
C ILE C 70 24.90 -21.19 -6.22
N HIS C 71 25.55 -22.08 -7.00
CA HIS C 71 25.40 -22.04 -8.42
C HIS C 71 23.93 -22.20 -8.84
N LEU C 72 23.27 -23.17 -8.22
CA LEU C 72 21.90 -23.46 -8.54
C LEU C 72 20.97 -22.31 -8.09
N LEU C 73 21.26 -21.70 -6.93
CA LEU C 73 20.50 -20.49 -6.51
C LEU C 73 20.63 -19.35 -7.55
N PHE C 74 21.81 -19.10 -8.05
CA PHE C 74 22.00 -18.09 -9.10
C PHE C 74 21.12 -18.36 -10.35
N SER C 75 21.10 -19.63 -10.79
CA SER C 75 20.19 -20.09 -11.87
C SER C 75 18.67 -19.96 -11.54
N ALA C 76 18.26 -20.39 -10.34
CA ALA C 76 16.87 -20.34 -9.94
C ALA C 76 16.39 -18.88 -9.88
N ASN C 77 17.31 -18.00 -9.49
CA ASN C 77 17.06 -16.54 -9.40
C ASN C 77 16.71 -15.97 -10.79
N ARG C 78 17.28 -16.55 -11.85
CA ARG C 78 16.89 -16.19 -13.26
C ARG C 78 15.57 -16.77 -13.65
N TRP C 79 15.39 -18.09 -13.42
CA TRP C 79 14.12 -18.73 -13.74
C TRP C 79 12.92 -18.04 -13.10
N GLU C 80 13.10 -17.51 -11.88
CA GLU C 80 11.96 -16.85 -11.21
C GLU C 80 11.55 -15.52 -11.89
N HIS C 81 12.38 -15.03 -12.80
CA HIS C 81 12.08 -13.82 -13.60
C HIS C 81 11.65 -14.08 -15.04
N MET C 82 11.62 -15.37 -15.42
CA MET C 82 11.32 -15.69 -16.83
C MET C 82 9.92 -15.30 -17.30
N ASN C 83 8.91 -15.58 -16.50
CA ASN C 83 7.53 -15.20 -16.85
C ASN C 83 7.37 -13.70 -17.05
N GLU C 84 8.00 -12.92 -16.19
CA GLU C 84 7.85 -11.46 -16.29
C GLU C 84 8.70 -10.87 -17.47
N ILE C 85 9.87 -11.44 -17.73
CA ILE C 85 10.66 -11.05 -18.91
C ILE C 85 9.93 -11.47 -20.22
N LYS C 86 9.39 -12.70 -20.26
CA LYS C 86 8.57 -13.14 -21.42
C LYS C 86 7.36 -12.18 -21.66
N SER C 87 6.67 -11.84 -20.58
CA SER C 87 5.52 -10.96 -20.67
C SER C 87 5.91 -9.57 -21.27
N LEU C 88 7.02 -9.00 -20.80
CA LEU C 88 7.53 -7.72 -21.31
C LEU C 88 7.81 -7.80 -22.82
N LEU C 89 8.63 -8.78 -23.20
CA LEU C 89 9.01 -8.98 -24.59
C LEU C 89 7.82 -9.26 -25.52
N LEU C 90 6.85 -10.04 -25.04
CA LEU C 90 5.61 -10.31 -25.77
C LEU C 90 4.83 -9.03 -26.11
N LYS C 91 4.88 -8.05 -25.20
CA LYS C 91 4.13 -6.79 -25.36
C LYS C 91 4.84 -5.82 -26.28
N GLY C 92 6.16 -5.96 -26.37
CA GLY C 92 6.99 -5.09 -27.18
C GLY C 92 7.87 -4.21 -26.35
N ILE C 93 7.82 -4.40 -25.03
CA ILE C 93 8.76 -3.67 -24.16
C ILE C 93 10.15 -4.31 -24.22
N TRP C 94 11.18 -3.50 -24.38
CA TRP C 94 12.55 -4.01 -24.39
C TRP C 94 13.09 -4.33 -22.99
N VAL C 95 14.07 -5.22 -22.92
CA VAL C 95 14.71 -5.52 -21.64
C VAL C 95 16.21 -5.28 -21.74
N VAL C 96 16.76 -4.43 -20.89
CA VAL C 96 18.18 -4.25 -20.77
C VAL C 96 18.59 -4.83 -19.40
N CYS C 97 19.55 -5.75 -19.41
CA CYS C 97 19.81 -6.56 -18.21
C CYS C 97 21.31 -6.61 -17.84
N ASP C 98 21.65 -6.20 -16.60
CA ASP C 98 23.04 -6.19 -16.11
C ASP C 98 23.29 -7.61 -15.52
N ARG C 99 24.05 -8.44 -16.28
CA ARG C 99 24.37 -9.85 -15.97
C ARG C 99 23.26 -10.87 -16.31
N TYR C 100 23.68 -12.05 -16.72
CA TYR C 100 22.75 -13.11 -17.03
C TYR C 100 23.44 -14.47 -16.83
N ALA C 101 22.98 -15.47 -17.56
CA ALA C 101 23.46 -16.86 -17.42
C ALA C 101 24.96 -17.00 -17.71
N TYR C 102 25.50 -16.04 -18.48
CA TYR C 102 26.95 -16.02 -18.77
C TYR C 102 27.78 -15.76 -17.50
N SER C 103 27.35 -14.79 -16.70
CA SER C 103 27.97 -14.56 -15.40
C SER C 103 27.95 -15.87 -14.60
N GLY C 104 26.83 -16.58 -14.66
CA GLY C 104 26.61 -17.80 -13.93
C GLY C 104 27.72 -18.80 -14.20
N VAL C 105 27.92 -19.05 -15.50
CA VAL C 105 28.90 -20.01 -15.96
C VAL C 105 30.31 -19.51 -15.66
N ALA C 106 30.61 -18.28 -16.07
CA ALA C 106 31.95 -17.73 -15.95
C ALA C 106 32.46 -17.60 -14.51
N TYR C 107 31.58 -17.14 -13.63
CA TYR C 107 31.97 -16.96 -12.25
C TYR C 107 32.12 -18.31 -11.56
N SER C 108 31.16 -19.22 -11.77
CA SER C 108 31.21 -20.53 -11.08
C SER C 108 32.39 -21.38 -11.53
N SER C 109 32.58 -21.49 -12.84
CA SER C 109 33.68 -22.26 -13.40
C SER C 109 35.03 -21.60 -13.11
N GLY C 110 35.06 -20.27 -13.12
CA GLY C 110 36.25 -19.48 -12.83
C GLY C 110 36.64 -19.46 -11.37
N ALA C 111 35.73 -19.05 -10.50
CA ALA C 111 36.09 -18.92 -9.09
C ALA C 111 35.94 -20.23 -8.29
N LEU C 112 35.04 -21.11 -8.71
CA LEU C 112 34.70 -22.29 -7.91
C LEU C 112 35.17 -23.58 -8.59
N ASN C 113 35.83 -23.43 -9.75
CA ASN C 113 36.34 -24.59 -10.50
C ASN C 113 35.27 -25.60 -10.86
N LEU C 114 34.01 -25.16 -10.97
CA LEU C 114 32.96 -26.08 -11.40
C LEU C 114 33.07 -26.36 -12.88
N ASN C 115 32.63 -27.55 -13.28
CA ASN C 115 32.58 -27.95 -14.68
C ASN C 115 31.68 -27.01 -15.51
N LYS C 116 32.17 -26.54 -16.66
CA LYS C 116 31.41 -25.60 -17.51
C LYS C 116 30.05 -26.13 -17.96
N THR C 117 30.01 -27.38 -18.41
CA THR C 117 28.75 -28.00 -18.86
C THR C 117 27.75 -28.16 -17.73
N TRP C 118 28.22 -28.69 -16.60
CA TRP C 118 27.40 -28.74 -15.40
C TRP C 118 26.81 -27.35 -15.07
N CYS C 119 27.62 -26.32 -15.19
CA CYS C 119 27.22 -24.96 -14.89
C CYS C 119 26.16 -24.43 -15.86
N MET C 120 26.23 -24.87 -17.12
CA MET C 120 25.35 -24.37 -18.16
C MET C 120 23.99 -25.01 -18.09
N ASN C 121 23.96 -26.31 -17.76
CA ASN C 121 22.70 -27.09 -17.76
C ASN C 121 21.45 -26.47 -17.08
N PRO C 122 21.58 -25.96 -15.81
CA PRO C 122 20.33 -25.46 -15.20
C PRO C 122 19.75 -24.23 -15.95
N ASP C 123 20.62 -23.47 -16.61
CA ASP C 123 20.19 -22.29 -17.39
C ASP C 123 19.64 -22.63 -18.77
N GLN C 124 19.75 -23.89 -19.18
CA GLN C 124 19.18 -24.30 -20.45
C GLN C 124 17.66 -24.11 -20.45
N GLY C 125 17.17 -23.39 -21.47
CA GLY C 125 15.75 -23.08 -21.52
C GLY C 125 15.43 -21.65 -21.16
N LEU C 126 16.39 -20.91 -20.58
CA LEU C 126 16.17 -19.46 -20.36
C LEU C 126 15.95 -18.76 -21.71
N ILE C 127 15.23 -17.64 -21.69
CA ILE C 127 15.13 -16.83 -22.90
C ILE C 127 16.50 -16.35 -23.34
N LYS C 128 16.78 -16.48 -24.63
CA LYS C 128 18.04 -16.03 -25.19
C LYS C 128 17.95 -14.56 -25.59
N PRO C 129 18.96 -13.73 -25.20
CA PRO C 129 18.97 -12.32 -25.57
C PRO C 129 19.33 -12.13 -27.05
N ASP C 130 19.05 -10.93 -27.56
CA ASP C 130 19.41 -10.62 -28.95
C ASP C 130 20.87 -10.31 -29.07
N VAL C 131 21.44 -9.72 -28.03
CA VAL C 131 22.83 -9.36 -28.05
C VAL C 131 23.39 -9.25 -26.64
N VAL C 132 24.66 -9.56 -26.52
CA VAL C 132 25.38 -9.42 -25.27
C VAL C 132 26.54 -8.47 -25.46
N PHE C 133 26.54 -7.38 -24.72
CA PHE C 133 27.67 -6.49 -24.67
C PHE C 133 28.61 -6.92 -23.53
N TYR C 134 29.82 -7.39 -23.90
CA TYR C 134 30.83 -7.72 -22.92
C TYR C 134 31.73 -6.52 -22.74
N LEU C 135 31.66 -5.91 -21.56
CA LEU C 135 32.51 -4.80 -21.24
C LEU C 135 33.88 -5.33 -20.77
N ASN C 136 34.82 -5.40 -21.72
CA ASN C 136 36.18 -5.86 -21.45
C ASN C 136 37.08 -4.86 -20.72
N VAL C 137 37.42 -5.18 -19.47
CA VAL C 137 38.47 -4.49 -18.74
C VAL C 137 39.46 -5.54 -18.20
N PRO C 138 40.77 -5.20 -18.06
CA PRO C 138 41.69 -6.19 -17.44
C PRO C 138 41.36 -6.46 -15.96
N PRO C 139 41.69 -7.68 -15.45
CA PRO C 139 41.35 -8.04 -14.07
C PRO C 139 41.81 -7.04 -13.00
N ASN C 140 42.82 -6.24 -13.35
CA ASN C 140 43.40 -5.24 -12.46
C ASN C 140 42.75 -3.86 -12.59
N TYR C 141 41.91 -3.69 -13.62
CA TYR C 141 41.27 -2.41 -13.88
C TYR C 141 40.60 -1.91 -12.61
N ALA C 142 40.87 -0.65 -12.29
CA ALA C 142 40.26 0.02 -11.16
C ALA C 142 40.20 -0.86 -9.88
N GLN C 143 41.30 -1.58 -9.60
CA GLN C 143 41.45 -2.44 -8.40
C GLN C 143 41.51 -1.65 -7.10
N ASN C 144 41.78 -0.35 -7.20
CA ASN C 144 41.90 0.52 -6.04
C ASN C 144 40.58 1.17 -5.62
N ARG C 145 39.50 0.87 -6.34
CA ARG C 145 38.16 1.40 -6.03
C ARG C 145 37.75 1.06 -4.61
N SER C 146 37.42 2.08 -3.83
CA SER C 146 36.92 1.91 -2.45
C SER C 146 35.53 1.25 -2.49
N ASP C 147 34.95 1.29 -3.68
CA ASP C 147 33.64 0.81 -4.08
C ASP C 147 33.55 -0.73 -4.13
N TYR C 148 34.67 -1.38 -4.43
CA TYR C 148 34.72 -2.84 -4.59
C TYR C 148 35.82 -3.46 -3.70
N GLY C 149 35.66 -4.73 -3.36
CA GLY C 149 36.66 -5.44 -2.53
C GLY C 149 36.02 -6.19 -1.36
N GLU C 150 34.81 -5.79 -0.98
CA GLU C 150 34.14 -6.36 0.19
C GLU C 150 33.21 -7.57 -0.07
N GLU C 151 32.90 -7.84 -1.33
CA GLU C 151 32.10 -9.02 -1.64
C GLU C 151 32.97 -10.12 -2.20
N ILE C 152 32.46 -11.36 -2.16
CA ILE C 152 33.29 -12.58 -2.23
C ILE C 152 34.18 -12.75 -3.43
N TYR C 153 33.74 -12.33 -4.61
CA TYR C 153 34.56 -12.52 -5.81
C TYR C 153 35.42 -11.30 -6.16
N GLU C 154 35.36 -10.26 -5.32
CA GLU C 154 36.03 -8.98 -5.59
C GLU C 154 37.49 -8.96 -5.08
N LYS C 155 38.30 -9.90 -5.56
CA LYS C 155 39.73 -9.85 -5.33
C LYS C 155 40.35 -9.95 -6.68
N VAL C 156 41.42 -9.19 -6.90
CA VAL C 156 42.08 -9.20 -8.20
C VAL C 156 42.44 -10.62 -8.65
N GLU C 157 42.95 -11.47 -7.73
CA GLU C 157 43.30 -12.87 -8.08
C GLU C 157 42.11 -13.68 -8.62
N THR C 158 40.94 -13.51 -7.98
CA THR C 158 39.70 -14.17 -8.45
C THR C 158 39.25 -13.58 -9.79
N GLN C 159 39.30 -12.25 -9.89
CA GLN C 159 38.98 -11.55 -11.16
C GLN C 159 39.79 -12.09 -12.34
N LYS C 160 41.09 -12.37 -12.12
CA LYS C 160 41.93 -12.98 -13.20
C LYS C 160 41.37 -14.29 -13.74
N LYS C 161 40.92 -15.16 -12.84
CA LYS C 161 40.40 -16.47 -13.23
C LYS C 161 39.04 -16.34 -13.95
N ILE C 162 38.24 -15.36 -13.52
CA ILE C 162 36.93 -15.15 -14.17
C ILE C 162 37.12 -14.48 -15.54
N TYR C 163 38.12 -13.60 -15.64
CA TYR C 163 38.45 -13.00 -16.92
C TYR C 163 38.63 -14.10 -17.94
N GLU C 164 39.40 -15.12 -17.54
CA GLU C 164 39.69 -16.26 -18.40
C GLU C 164 38.45 -17.06 -18.79
N THR C 165 37.63 -17.47 -17.81
CA THR C 165 36.43 -18.28 -18.12
C THR C 165 35.39 -17.54 -18.96
N TYR C 166 35.34 -16.21 -18.86
CA TYR C 166 34.50 -15.43 -19.74
C TYR C 166 34.84 -15.66 -21.20
N LYS C 167 36.13 -15.87 -21.49
CA LYS C 167 36.57 -16.19 -22.87
C LYS C 167 35.81 -17.37 -23.53
N HIS C 168 35.15 -18.19 -22.72
CA HIS C 168 34.28 -19.32 -23.18
C HIS C 168 33.12 -18.89 -24.07
N PHE C 169 32.71 -17.63 -23.95
CA PHE C 169 31.63 -17.09 -24.78
C PHE C 169 32.14 -16.14 -25.84
N ALA C 170 33.43 -15.76 -25.74
CA ALA C 170 34.05 -14.73 -26.58
C ALA C 170 33.91 -14.91 -28.10
N HIS C 171 33.61 -16.15 -28.51
CA HIS C 171 33.51 -16.51 -29.93
C HIS C 171 32.09 -16.89 -30.33
N GLU C 172 31.16 -16.37 -29.57
CA GLU C 172 29.76 -16.52 -29.89
C GLU C 172 29.33 -15.32 -30.73
N ASP C 173 28.36 -15.51 -31.62
CA ASP C 173 27.97 -14.42 -32.54
C ASP C 173 27.12 -13.33 -31.88
N TYR C 174 26.40 -13.70 -30.83
CA TYR C 174 25.61 -12.78 -30.04
C TYR C 174 26.51 -11.98 -29.08
N TRP C 175 27.78 -12.42 -28.96
CA TRP C 175 28.75 -11.80 -28.04
C TRP C 175 29.52 -10.68 -28.73
N ILE C 176 29.39 -9.46 -28.23
CA ILE C 176 30.11 -8.29 -28.77
C ILE C 176 31.07 -7.73 -27.72
N ASN C 177 32.37 -7.89 -27.98
CA ASN C 177 33.42 -7.36 -27.11
C ASN C 177 33.52 -5.82 -27.19
N ILE C 178 33.63 -5.19 -26.05
CA ILE C 178 33.75 -3.73 -26.00
C ILE C 178 34.90 -3.34 -25.07
N ASP C 179 35.87 -2.57 -25.59
CA ASP C 179 36.93 -2.06 -24.74
C ASP C 179 36.37 -1.00 -23.78
N ALA C 180 36.20 -1.41 -22.52
CA ALA C 180 35.57 -0.57 -21.52
C ALA C 180 36.57 0.23 -20.68
N THR C 181 37.82 0.27 -21.14
CA THR C 181 38.82 1.12 -20.51
C THR C 181 38.80 2.52 -21.16
N ARG C 182 38.06 2.66 -22.26
CA ARG C 182 37.95 3.94 -22.98
C ARG C 182 37.00 4.92 -22.28
N LYS C 183 36.83 6.11 -22.86
CA LYS C 183 35.94 7.14 -22.31
C LYS C 183 34.50 6.63 -22.19
N ILE C 184 33.82 7.01 -21.11
CA ILE C 184 32.41 6.64 -20.87
C ILE C 184 31.55 6.93 -22.12
N GLU C 185 31.76 8.12 -22.70
CA GLU C 185 31.06 8.55 -23.91
C GLU C 185 31.31 7.68 -25.14
N ASP C 186 32.57 7.25 -25.33
CA ASP C 186 32.97 6.45 -26.49
C ASP C 186 32.42 5.02 -26.43
N ILE C 187 32.53 4.41 -25.26
CA ILE C 187 31.93 3.11 -25.01
C ILE C 187 30.43 3.16 -25.38
N HIS C 188 29.72 4.17 -24.87
CA HIS C 188 28.28 4.34 -25.12
C HIS C 188 27.92 4.47 -26.61
N ASN C 189 28.67 5.29 -27.35
CA ASN C 189 28.42 5.47 -28.79
C ASN C 189 28.54 4.14 -29.56
N ASP C 190 29.56 3.36 -29.23
CA ASP C 190 29.77 2.04 -29.85
C ASP C 190 28.67 1.04 -29.56
N ILE C 191 28.04 1.18 -28.39
CA ILE C 191 26.91 0.34 -28.05
C ILE C 191 25.69 0.74 -28.89
N VAL C 192 25.40 2.05 -28.90
CA VAL C 192 24.33 2.62 -29.73
C VAL C 192 24.44 2.09 -31.17
N LYS C 193 25.63 2.23 -31.78
CA LYS C 193 25.88 1.76 -33.17
C LYS C 193 25.47 0.30 -33.37
N GLU C 194 25.82 -0.52 -32.39
CA GLU C 194 25.45 -1.94 -32.42
C GLU C 194 23.95 -2.17 -32.25
N VAL C 195 23.34 -1.43 -31.33
CA VAL C 195 21.90 -1.55 -31.04
C VAL C 195 21.06 -1.25 -32.29
N THR C 196 21.45 -0.19 -33.02
CA THR C 196 20.80 0.17 -34.29
C THR C 196 20.82 -0.98 -35.33
N LYS C 197 21.72 -1.94 -35.17
CA LYS C 197 21.81 -3.10 -36.09
C LYS C 197 20.83 -4.26 -35.81
N ILE C 198 20.16 -4.24 -34.65
CA ILE C 198 19.20 -5.29 -34.27
C ILE C 198 17.98 -5.24 -35.19
N LYS C 199 17.55 -6.41 -35.67
CA LYS C 199 16.39 -6.51 -36.57
C LYS C 199 15.12 -6.05 -35.86
N VAL C 200 14.31 -5.28 -36.57
CA VAL C 200 13.20 -4.53 -35.95
C VAL C 200 11.93 -5.35 -35.68
N GLU C 201 11.60 -6.30 -36.56
CA GLU C 201 10.31 -6.98 -36.53
C GLU C 201 10.16 -8.05 -35.43
N PRO C 202 8.89 -8.47 -35.13
CA PRO C 202 8.62 -9.59 -34.23
C PRO C 202 9.22 -10.89 -34.76
N GLU C 203 9.63 -11.76 -33.85
CA GLU C 203 10.21 -13.05 -34.18
C GLU C 203 9.81 -14.08 -33.11
N GLU C 204 10.05 -15.36 -33.38
CA GLU C 204 9.85 -16.39 -32.36
C GLU C 204 10.90 -16.23 -31.26
N PHE C 205 10.52 -16.56 -30.02
CA PHE C 205 11.52 -16.58 -28.93
C PHE C 205 12.60 -17.64 -29.22
N ASN C 206 13.86 -17.32 -28.93
CA ASN C 206 14.95 -18.33 -28.87
C ASN C 206 15.33 -18.59 -27.39
N PHE C 207 15.99 -19.71 -27.13
CA PHE C 207 16.29 -20.15 -25.76
C PHE C 207 17.71 -20.63 -25.63
N LEU C 208 18.30 -20.44 -24.43
CA LEU C 208 19.66 -20.97 -24.15
C LEU C 208 19.58 -22.48 -24.26
N TRP C 209 20.61 -23.14 -24.79
CA TRP C 209 21.86 -22.53 -25.24
C TRP C 209 22.03 -22.54 -26.79
N SER C 210 20.94 -22.25 -27.51
CA SER C 210 20.97 -22.21 -29.00
CA SER C 210 20.97 -22.20 -28.99
C SER C 210 21.83 -21.06 -29.54
OAC 74W D . -29.18 11.69 18.37
OAC 74W D . -28.94 12.03 18.20
CAZ 74W D . -28.50 11.36 19.34
CAZ 74W D . -28.27 11.62 19.16
NAR 74W D . -27.34 12.06 19.65
NAR 74W D . -27.15 12.33 19.60
CAY 74W D . -26.59 11.68 20.77
CAY 74W D . -26.43 11.91 20.71
OAB 74W D . -25.55 12.32 21.04
OAB 74W D . -25.46 12.58 21.06
CAU 74W D . -27.00 10.62 21.57
CAU 74W D . -26.81 10.72 21.38
CAA 74W D . -26.17 10.21 22.79
CAA 74W D . -26.05 10.16 22.61
CAM 74W D . -28.16 9.92 21.26
CAM 74W D . -27.91 10.02 20.94
NBD 74W D . -28.91 10.29 20.14
NBD 74W D . -28.63 10.45 19.84
CBC 74W D . -30.15 9.57 19.78
CBC 74W D . -29.82 9.68 19.41
OAS 74W D . -31.02 9.20 20.87
OAS 74W D . -30.72 9.93 20.46
CAO 74W D . -29.77 8.24 19.23
CAO 74W D . -29.71 8.12 19.36
CBA 74W D . -31.13 7.56 19.18
CBA 74W D . -31.12 7.67 19.68
OAD 74W D . -31.72 7.68 17.90
OAD 74W D . -31.94 7.56 18.48
CBB 74W D . -31.98 8.37 20.16
CBB 74W D . -31.66 8.79 20.56
CAN 74W D . -32.62 7.23 20.92
CAN 74W D . -31.78 8.27 22.03
NAP 74W D . -32.24 7.29 22.31
NAP 74W D . -32.73 7.15 22.00
CAT 74W D . -32.79 6.52 23.25
CAT 74W D . -32.46 5.98 22.58
SAE 74W D . -32.16 6.73 24.81
SAE 74W D . -30.97 5.81 23.43
NAQ 74W D . -33.77 5.58 23.10
NAQ 74W D . -33.31 4.94 22.55
CAV 74W D . -34.51 5.15 22.03
CAV 74W D . -34.49 4.87 21.88
CAL 74W D . -34.36 5.54 20.68
CAL 74W D . -34.45 4.84 20.47
CAJ 74W D . -35.51 4.22 22.34
CAJ 74W D . -35.73 4.79 22.52
CAK 74W D . -36.35 3.70 21.36
CAK 74W D . -36.92 4.69 21.76
CAW 74W D . -36.20 4.09 20.03
CAW 74W D . -36.87 4.67 20.36
CL 74W D . -37.24 3.44 18.80
CL 74W D . -38.33 4.55 19.41
CAX 74W D . -35.20 5.02 19.68
CAX 74W D . -35.63 4.75 19.70
CBE 74W D . -35.08 5.43 18.18
CBE 74W D . -35.55 4.72 18.15
FAF 74W D . -33.92 6.05 17.96
FAF 74W D . -34.41 5.31 17.71
FAG 74W D . -35.20 4.36 17.37
FAG 74W D . -35.63 3.45 17.73
FAH 74W D . -36.06 6.26 17.84
FAH 74W D . -36.57 5.36 17.63
C ACT E . -25.99 8.66 33.11
O ACT E . -25.47 9.28 32.11
OXT ACT E . -26.59 7.58 32.89
CH3 ACT E . -25.87 9.17 34.50
C TAM F . -31.95 -2.12 22.50
C1 TAM F . -33.08 -1.08 22.40
C2 TAM F . -30.56 -1.47 22.51
C3 TAM F . -32.11 -2.98 23.74
C4 TAM F . -32.69 0.36 22.72
C5 TAM F . -29.96 -1.61 21.13
C6 TAM F . -31.17 -4.19 23.68
N TAM F . -32.08 -3.01 21.33
O4 TAM F . -32.26 1.06 21.54
O5 TAM F . -29.18 -0.47 20.84
O6 TAM F . -31.93 -5.35 24.01
OAC 74W G . -5.93 12.85 -12.97
CAZ 74W G . -5.40 11.79 -12.63
NAR 74W G . -6.04 10.58 -12.90
CAY 74W G . -5.44 9.37 -12.52
OAB 74W G . -6.06 8.35 -12.82
CAU 74W G . -4.19 9.32 -11.87
CAA 74W G . -3.52 7.93 -11.44
CAM 74W G . -3.54 10.51 -11.59
NBD 74W G . -4.15 11.77 -11.97
CBC 74W G . -3.52 13.07 -11.69
OAS 74W G . -2.33 13.03 -12.44
CAO 74W G . -3.06 13.27 -10.27
CBA 74W G . -1.85 14.19 -10.43
OAD 74W G . -2.23 15.58 -10.41
CBB 74W G . -1.35 13.87 -11.85
CAN 74W G . 0.00 13.08 -11.79
NAP 74W G . 1.03 13.95 -11.24
CAT 74W G . 1.88 13.51 -10.29
SAE 74W G . 1.73 11.86 -9.74
NAQ 74W G . 2.83 14.30 -9.78
CAV 74W G . 3.01 15.64 -9.98
CAL 74W G . 1.91 16.50 -9.67
CAJ 74W G . 4.22 16.22 -10.37
CAK 74W G . 4.34 17.61 -10.51
CAW 74W G . 3.23 18.44 -10.23
CL 74W G . 3.29 20.17 -10.38
CAX 74W G . 2.01 17.89 -9.81
CBE 74W G . 0.81 18.85 -9.52
FAF 74W G . -0.30 18.17 -9.23
FAG 74W G . 1.16 19.68 -8.54
FAH 74W G . 0.52 19.62 -10.53
C ACT H . 4.41 1.31 -12.70
O ACT H . 3.14 1.42 -12.73
OXT ACT H . 5.06 2.11 -11.97
CH3 ACT H . 5.14 0.22 -13.44
C TAM I . 5.24 14.12 -3.64
C1 TAM I . 4.11 14.13 -2.62
C2 TAM I . 4.79 14.73 -4.99
C3 TAM I . 6.47 14.86 -3.08
C4 TAM I . 2.92 13.33 -3.12
C5 TAM I . 4.71 13.75 -6.18
C6 TAM I . 6.47 16.37 -3.27
N TAM I . 5.62 12.72 -3.80
O4 TAM I . 1.84 13.40 -2.20
O5 TAM I . 5.96 13.07 -6.32
O6 TAM I . 5.70 16.98 -2.23
OAC 74W J . 28.63 -15.49 -9.34
OAC 74W J . 28.46 -15.68 -9.53
CAZ 74W J . 27.70 -14.97 -9.99
CAZ 74W J . 27.52 -15.16 -10.13
NAR 74W J . 26.83 -15.77 -10.65
NAR 74W J . 26.60 -15.97 -10.77
CAY 74W J . 25.76 -15.22 -11.39
CAY 74W J . 25.52 -15.39 -11.44
OAB 74W J . 24.99 -15.99 -11.97
OAB 74W J . 24.71 -16.13 -12.00
CAU 74W J . 25.56 -13.84 -11.45
CAU 74W J . 25.36 -14.00 -11.46
CAA 74W J . 24.36 -13.24 -12.25
CAA 74W J . 24.17 -13.35 -12.19
CAM 74W J . 26.44 -13.00 -10.75
CAM 74W J . 26.29 -13.19 -10.82
NBD 74W J . 27.54 -13.58 -10.03
NBD 74W J . 27.38 -13.77 -10.14
CBC 74W J . 28.45 -12.75 -9.28
CBC 74W J . 28.34 -12.92 -9.45
OAS 74W J . 27.58 -12.18 -8.26
OAS 74W J . 27.56 -12.30 -8.41
CAO 74W J . 29.03 -11.57 -10.02
CAO 74W J . 28.82 -11.76 -10.30
CBA 74W J . 29.28 -10.61 -8.87
CBA 74W J . 29.15 -10.73 -9.24
OAD 74W J . 30.60 -10.83 -8.28
OAD 74W J . 30.49 -10.94 -8.75
CBB 74W J . 28.15 -10.94 -7.86
CBB 74W J . 28.15 -11.02 -8.11
CAN 74W J . 27.04 -9.83 -7.91
CAN 74W J . 27.02 -9.97 -8.11
NAP 74W J . 27.67 -8.55 -7.54
NAP 74W J . 27.57 -8.63 -7.86
CAT 74W J . 26.97 -7.44 -7.27
CAT 74W J . 26.91 -7.55 -8.25
SAE 74W J . 25.24 -7.48 -7.30
SAE 74W J . 25.42 -7.71 -9.09
NAQ 74W J . 27.68 -6.33 -6.92
NAQ 74W J . 27.37 -6.33 -8.01
CAV 74W J . 27.14 -5.14 -6.62
CAV 74W J . 26.67 -5.28 -8.46
CAL 74W J . 25.83 -4.99 -6.15
CAL 74W J . 27.29 -4.04 -8.55
CAJ 74W J . 27.95 -4.02 -6.78
CAJ 74W J . 25.33 -5.42 -8.86
CAK 74W J . 27.47 -2.75 -6.49
CAK 74W J . 24.61 -4.32 -9.33
CAW 74W J . 26.17 -2.60 -6.02
CAW 74W J . 25.24 -3.08 -9.40
CL 74W J . 25.54 -1.03 -5.64
CL 74W J . 24.35 -1.71 -10.00
CAX 74W J . 25.36 -3.72 -5.85
CAX 74W J . 26.58 -2.95 -9.02
CBE 74W J . 23.93 -3.49 -5.33
CBE 74W J . 27.31 -1.61 -9.08
FAF 74W J . 23.29 -2.65 -6.17
FAF 74W J . 28.59 -1.86 -9.33
FAG 74W J . 23.29 -4.65 -5.27
FAG 74W J . 26.78 -0.86 -10.05
FAH 74W J . 23.99 -2.90 -4.14
FAH 74W J . 27.20 -0.97 -7.92
C ACT K . 15.41 -7.80 -11.60
O ACT K . 16.20 -6.85 -11.66
OXT ACT K . 15.85 -8.92 -12.02
CH3 ACT K . 13.99 -7.59 -11.15
C ACT L . 29.97 -2.14 -13.01
O ACT L . 31.05 -1.48 -12.85
OXT ACT L . 30.02 -3.29 -13.56
CH3 ACT L . 28.66 -1.56 -12.55
C ACT M . 30.13 1.77 -12.52
O ACT M . 29.14 1.47 -13.23
OXT ACT M . 31.12 2.20 -13.15
CH3 ACT M . 30.17 1.61 -11.03
#